data_4P7C
#
_entry.id   4P7C
#
_cell.length_a   64.076
_cell.length_b   88.732
_cell.length_c   128.094
_cell.angle_alpha   90.000
_cell.angle_beta   90.000
_cell.angle_gamma   90.000
#
_symmetry.space_group_name_H-M   'P 21 21 21'
#
loop_
_entity.id
_entity.type
_entity.pdbx_description
1 polymer 'tRNA (mo5U34)-methyltransferase'
2 non-polymer 2-[BIS-(2-HYDROXY-ETHYL)-AMINO]-2-HYDROXYMETHYL-PROPANE-1,3-DIOL
3 non-polymer 'ACETATE ION'
4 water water
#
_entity_poly.entity_id   1
_entity_poly.type   'polypeptide(L)'
_entity_poly.pdbx_seq_one_letter_code
;SNA(MSE)IDLAPLVRRLAGTPLAEWANGLQAQLDTK(MSE)SKGHGDLQRWQSALDALPALQPEKVDLTDSFTLETECD
GETRTVLRKALLGLSPWRKGPFNVFGVHIDTEWRSDWKWSRVSPHLDLKGKRVLDVGCGNGYYQWR(MSE)LGAGADSVI
GVDPNWLFFCQFQA(MSE)QRYLPDLPAWHLPFALEDLPANLEGFDTVFS(MSE)GVLYHRKSPIDHLLALKDCLVKGGE
LV(MSE)ETLVIPGDVHQVLVPEDRYAQ(MSE)RNVWFLPSVPALELW(MSE)RRAGFTDVRCVDVSHTTVEEQRSTEW
(MSE)RFQSLGDYLDPNDHSKTVEGLPAP(MSE)RAVIVGRKP
;
_entity_poly.pdbx_strand_id   A,B
#
loop_
_chem_comp.id
_chem_comp.type
_chem_comp.name
_chem_comp.formula
ACT non-polymer 'ACETATE ION' 'C2 H3 O2 -1'
BTB non-polymer 2-[BIS-(2-HYDROXY-ETHYL)-AMINO]-2-HYDROXYMETHYL-PROPANE-1,3-DIOL 'C8 H19 N O5'
#
# COMPACT_ATOMS: atom_id res chain seq x y z
N SER A 1 17.91 -5.36 -4.94
CA SER A 1 18.38 -5.11 -6.33
C SER A 1 18.23 -3.65 -6.75
N ASN A 2 17.74 -2.81 -5.83
CA ASN A 2 17.91 -1.36 -5.96
C ASN A 2 19.37 -1.06 -5.64
N ALA A 3 20.05 -0.33 -6.53
CA ALA A 3 21.43 0.08 -6.32
C ALA A 3 21.57 0.83 -5.00
N MSE A 4 22.71 0.66 -4.32
CA MSE A 4 23.05 1.48 -3.17
C MSE A 4 23.35 2.91 -3.67
O MSE A 4 23.81 3.08 -4.81
CB MSE A 4 24.25 0.91 -2.41
CG MSE A 4 24.01 -0.43 -1.67
SE MSE A 4 22.53 -0.41 -0.34
CE MSE A 4 21.16 -1.36 -1.38
N ILE A 5 23.05 3.91 -2.85
CA ILE A 5 23.31 5.31 -3.22
C ILE A 5 24.67 5.74 -2.65
N ASP A 6 25.48 6.38 -3.47
CA ASP A 6 26.76 6.96 -3.05
C ASP A 6 26.53 8.28 -2.30
N LEU A 7 26.78 8.29 -1.01
CA LEU A 7 26.61 9.52 -0.24
C LEU A 7 27.87 10.37 -0.12
N ALA A 8 28.98 9.91 -0.68
CA ALA A 8 30.23 10.69 -0.63
C ALA A 8 30.07 12.19 -0.99
N PRO A 9 29.28 12.52 -2.06
CA PRO A 9 29.05 13.92 -2.33
C PRO A 9 28.33 14.68 -1.20
N LEU A 10 27.47 14.01 -0.46
CA LEU A 10 26.76 14.65 0.65
C LEU A 10 27.74 14.95 1.80
N VAL A 11 28.59 13.96 2.07
CA VAL A 11 29.62 14.10 3.08
C VAL A 11 30.53 15.28 2.74
N ARG A 12 30.91 15.40 1.46
CA ARG A 12 31.76 16.49 0.99
C ARG A 12 31.08 17.83 1.23
N ARG A 13 29.79 17.88 0.89
CA ARG A 13 28.98 19.09 0.97
C ARG A 13 28.79 19.57 2.42
N LEU A 14 28.75 18.63 3.37
CA LEU A 14 28.44 18.98 4.76
C LEU A 14 29.68 19.13 5.62
N ALA A 15 30.85 18.91 5.04
CA ALA A 15 32.12 19.12 5.74
C ALA A 15 32.19 20.56 6.22
N GLY A 16 32.73 20.77 7.42
CA GLY A 16 32.86 22.14 7.99
C GLY A 16 31.53 22.77 8.43
N THR A 17 30.49 21.94 8.58
CA THR A 17 29.17 22.38 9.09
C THR A 17 28.81 21.54 10.32
N PRO A 18 27.80 21.96 11.10
CA PRO A 18 27.49 21.14 12.28
C PRO A 18 26.92 19.78 11.89
N LEU A 19 26.60 19.58 10.61
CA LEU A 19 26.07 18.30 10.14
C LEU A 19 27.15 17.29 9.78
N ALA A 20 28.42 17.71 9.81
CA ALA A 20 29.53 16.85 9.33
C ALA A 20 29.62 15.49 10.00
N GLU A 21 29.63 15.44 11.35
CA GLU A 21 29.74 14.19 12.08
C GLU A 21 28.60 13.24 11.71
N TRP A 22 27.38 13.78 11.66
CA TRP A 22 26.20 12.97 11.31
C TRP A 22 26.32 12.45 9.90
N ALA A 23 26.71 13.32 8.97
CA ALA A 23 26.88 12.91 7.57
C ALA A 23 27.87 11.77 7.44
N ASN A 24 28.92 11.78 8.26
CA ASN A 24 29.96 10.75 8.23
C ASN A 24 29.46 9.34 8.54
N GLY A 25 28.32 9.22 9.22
CA GLY A 25 27.69 7.92 9.47
C GLY A 25 26.48 7.58 8.60
N LEU A 26 26.04 8.51 7.75
CA LEU A 26 24.80 8.29 6.99
C LEU A 26 24.88 7.12 6.01
N GLN A 27 26.03 6.97 5.34
CA GLN A 27 26.16 5.85 4.38
C GLN A 27 25.87 4.49 5.01
N ALA A 28 26.43 4.20 6.18
CA ALA A 28 26.14 2.95 6.89
C ALA A 28 24.65 2.83 7.29
N GLN A 29 24.08 3.90 7.85
CA GLN A 29 22.68 3.92 8.25
C GLN A 29 21.76 3.72 7.06
N LEU A 30 22.05 4.39 5.96
CA LEU A 30 21.25 4.26 4.73
C LEU A 30 21.36 2.85 4.17
N ASP A 31 22.58 2.33 4.08
CA ASP A 31 22.80 0.97 3.59
C ASP A 31 22.03 -0.07 4.43
N THR A 32 22.09 0.07 5.74
CA THR A 32 21.37 -0.86 6.62
C THR A 32 19.87 -0.79 6.42
N LYS A 33 19.33 0.44 6.40
CA LYS A 33 17.90 0.64 6.23
C LYS A 33 17.41 0.04 4.88
N MSE A 34 18.18 0.27 3.82
CA MSE A 34 17.80 -0.24 2.50
C MSE A 34 17.89 -1.78 2.41
O MSE A 34 17.04 -2.42 1.75
CB MSE A 34 18.59 0.45 1.38
CG MSE A 34 18.21 1.92 1.21
SE MSE A 34 19.21 2.74 -0.21
CE MSE A 34 18.38 1.85 -1.74
N SER A 35 18.87 -2.36 3.07
CA SER A 35 18.92 -3.84 3.24
C SER A 35 17.68 -4.37 3.92
N LYS A 36 17.30 -3.75 5.04
CA LYS A 36 16.14 -4.17 5.81
C LYS A 36 14.85 -3.98 4.98
N GLY A 37 14.82 -2.90 4.19
CA GLY A 37 13.68 -2.60 3.32
C GLY A 37 13.65 -3.28 1.96
N HIS A 38 14.58 -4.22 1.73
CA HIS A 38 14.72 -4.89 0.43
C HIS A 38 13.40 -5.40 -0.11
N GLY A 39 12.64 -6.11 0.70
CA GLY A 39 11.34 -6.66 0.28
C GLY A 39 10.38 -5.59 -0.23
N ASP A 40 10.20 -4.53 0.57
CA ASP A 40 9.32 -3.42 0.21
C ASP A 40 9.79 -2.71 -1.06
N LEU A 41 11.11 -2.48 -1.16
CA LEU A 41 11.70 -1.86 -2.34
C LEU A 41 11.43 -2.63 -3.64
N GLN A 42 11.38 -3.95 -3.55
CA GLN A 42 11.11 -4.78 -4.72
C GLN A 42 9.76 -4.47 -5.36
N ARG A 43 8.83 -3.90 -4.59
CA ARG A 43 7.51 -3.57 -5.11
C ARG A 43 7.54 -2.58 -6.27
N TRP A 44 8.56 -1.72 -6.28
CA TRP A 44 8.63 -0.60 -7.24
C TRP A 44 9.80 -0.65 -8.20
N GLN A 45 10.59 -1.72 -8.15
CA GLN A 45 11.78 -1.82 -9.01
C GLN A 45 11.45 -1.93 -10.50
N SER A 46 10.42 -2.69 -10.88
CA SER A 46 10.13 -2.82 -12.31
C SER A 46 9.72 -1.46 -12.91
N ALA A 47 9.04 -0.63 -12.10
CA ALA A 47 8.67 0.71 -12.50
C ALA A 47 9.93 1.56 -12.68
N LEU A 48 10.82 1.54 -11.69
CA LEU A 48 12.07 2.29 -11.78
C LEU A 48 12.94 1.80 -12.92
N ASP A 49 13.00 0.48 -13.12
CA ASP A 49 13.83 -0.10 -14.19
C ASP A 49 13.35 0.28 -15.59
N ALA A 50 12.04 0.56 -15.71
CA ALA A 50 11.46 0.91 -16.99
C ALA A 50 11.64 2.38 -17.39
N LEU A 51 12.08 3.23 -16.47
CA LEU A 51 12.27 4.67 -16.82
C LEU A 51 13.33 4.79 -17.92
N PRO A 52 12.98 5.44 -19.05
CA PRO A 52 13.93 5.54 -20.17
C PRO A 52 15.15 6.39 -19.84
N ALA A 53 16.27 6.15 -20.52
CA ALA A 53 17.47 6.97 -20.32
C ALA A 53 17.34 8.27 -21.08
N LEU A 54 17.02 9.34 -20.37
CA LEU A 54 16.88 10.66 -20.98
C LEU A 54 17.64 11.65 -20.12
N GLN A 55 18.15 12.71 -20.74
CA GLN A 55 18.77 13.81 -20.00
C GLN A 55 18.05 15.10 -20.38
N PRO A 56 17.67 15.94 -19.39
CA PRO A 56 17.03 17.20 -19.70
C PRO A 56 17.90 18.11 -20.56
N GLU A 57 17.30 18.75 -21.54
CA GLU A 57 17.88 19.88 -22.25
C GLU A 57 17.57 21.17 -21.50
N LYS A 58 16.47 21.19 -20.77
CA LYS A 58 16.06 22.35 -19.98
C LYS A 58 15.42 21.92 -18.67
N VAL A 59 15.78 22.62 -17.59
CA VAL A 59 15.24 22.33 -16.26
C VAL A 59 14.69 23.64 -15.68
N ASP A 60 13.45 23.63 -15.21
CA ASP A 60 13.01 24.71 -14.32
C ASP A 60 12.52 24.12 -13.02
N LEU A 61 13.06 24.64 -11.92
CA LEU A 61 12.59 24.32 -10.58
C LEU A 61 12.10 25.57 -9.83
N THR A 62 12.19 26.75 -10.47
N THR A 62 12.16 26.73 -10.49
CA THR A 62 11.90 28.01 -9.79
CA THR A 62 11.92 28.01 -9.83
C THR A 62 10.41 28.36 -9.80
C THR A 62 10.46 28.42 -9.84
N ASP A 63 9.74 28.02 -10.89
CA ASP A 63 8.30 28.35 -11.02
C ASP A 63 7.40 27.11 -11.06
N SER A 64 8.04 25.95 -11.18
CA SER A 64 7.33 24.68 -11.26
C SER A 64 8.41 23.62 -11.16
N PHE A 65 8.03 22.35 -11.28
CA PHE A 65 8.99 21.30 -11.62
C PHE A 65 8.71 20.93 -13.09
N THR A 66 9.61 21.32 -13.98
CA THR A 66 9.46 21.05 -15.41
C THR A 66 10.80 20.63 -16.00
N LEU A 67 10.81 19.43 -16.60
CA LEU A 67 11.99 18.94 -17.32
C LEU A 67 11.61 18.79 -18.79
N GLU A 68 12.50 19.26 -19.67
CA GLU A 68 12.25 19.23 -21.11
C GLU A 68 13.41 18.60 -21.84
N THR A 69 13.10 17.77 -22.83
CA THR A 69 14.16 17.18 -23.67
C THR A 69 13.52 16.67 -24.95
N GLU A 70 14.32 16.41 -25.98
CA GLU A 70 13.82 15.79 -27.18
C GLU A 70 13.37 14.36 -26.87
N CYS A 71 12.09 14.06 -27.10
CA CYS A 71 11.53 12.79 -26.70
C CYS A 71 10.38 12.45 -27.65
N ASP A 72 10.43 11.29 -28.29
CA ASP A 72 9.39 10.92 -29.23
C ASP A 72 8.18 10.30 -28.53
N GLY A 73 7.12 10.05 -29.28
CA GLY A 73 5.87 9.49 -28.74
C GLY A 73 6.03 8.14 -28.07
N GLU A 74 6.79 7.24 -28.69
CA GLU A 74 7.02 5.91 -28.12
C GLU A 74 7.78 5.97 -26.81
N THR A 75 8.80 6.80 -26.73
CA THR A 75 9.56 6.98 -25.49
C THR A 75 8.68 7.58 -24.39
N ARG A 76 7.85 8.55 -24.75
N ARG A 76 7.84 8.54 -24.74
CA ARG A 76 6.92 9.17 -23.79
CA ARG A 76 6.94 9.15 -23.75
C ARG A 76 5.90 8.17 -23.22
C ARG A 76 5.90 8.17 -23.21
N THR A 77 5.41 7.27 -24.06
CA THR A 77 4.51 6.22 -23.61
C THR A 77 5.18 5.29 -22.58
N VAL A 78 6.42 4.91 -22.86
CA VAL A 78 7.20 4.06 -21.95
C VAL A 78 7.38 4.80 -20.61
N LEU A 79 7.68 6.10 -20.69
CA LEU A 79 7.95 6.90 -19.50
C LEU A 79 6.66 7.03 -18.69
N ARG A 80 5.57 7.37 -19.38
CA ARG A 80 4.29 7.55 -18.71
C ARG A 80 3.89 6.27 -17.98
N LYS A 81 4.07 5.12 -18.66
CA LYS A 81 3.70 3.83 -18.07
C LYS A 81 4.56 3.51 -16.85
N ALA A 82 5.86 3.76 -16.95
CA ALA A 82 6.76 3.53 -15.83
C ALA A 82 6.38 4.41 -14.64
N LEU A 83 6.12 5.70 -14.87
CA LEU A 83 5.73 6.59 -13.77
C LEU A 83 4.39 6.20 -13.14
N LEU A 84 3.45 5.73 -13.95
CA LEU A 84 2.17 5.26 -13.41
C LEU A 84 2.36 4.05 -12.51
N GLY A 85 3.46 3.32 -12.72
CA GLY A 85 3.81 2.17 -11.88
C GLY A 85 4.20 2.55 -10.46
N LEU A 86 4.49 3.85 -10.24
CA LEU A 86 4.80 4.41 -8.91
C LEU A 86 3.63 5.12 -8.19
N SER A 87 2.42 4.98 -8.74
CA SER A 87 1.21 5.50 -8.10
C SER A 87 0.92 4.85 -6.75
N PRO A 88 0.24 5.57 -5.83
CA PRO A 88 -0.35 6.92 -5.93
C PRO A 88 0.65 8.07 -5.74
N TRP A 89 0.48 9.14 -6.53
CA TRP A 89 1.34 10.32 -6.46
C TRP A 89 0.61 11.44 -5.76
N ARG A 90 1.13 11.91 -4.63
CA ARG A 90 0.39 12.87 -3.81
C ARG A 90 0.88 14.31 -3.99
N LYS A 91 2.10 14.63 -3.59
CA LYS A 91 2.62 15.99 -3.75
C LYS A 91 3.11 16.19 -5.18
N GLY A 92 2.87 17.38 -5.74
CA GLY A 92 3.37 17.73 -7.08
C GLY A 92 2.65 19.00 -7.54
N PRO A 93 2.40 19.15 -8.86
CA PRO A 93 2.64 18.22 -9.96
C PRO A 93 4.06 18.24 -10.52
N PHE A 94 4.41 17.24 -11.32
CA PHE A 94 5.69 17.21 -11.99
C PHE A 94 5.42 17.20 -13.50
N ASN A 95 6.19 17.98 -14.23
CA ASN A 95 6.18 17.94 -15.68
C ASN A 95 7.49 17.30 -16.13
N VAL A 96 7.39 16.10 -16.68
CA VAL A 96 8.59 15.26 -16.93
C VAL A 96 8.62 14.93 -18.40
N PHE A 97 9.41 15.70 -19.15
CA PHE A 97 9.53 15.51 -20.61
C PHE A 97 8.18 15.37 -21.29
N GLY A 98 7.23 16.22 -20.93
CA GLY A 98 5.95 16.24 -21.62
C GLY A 98 4.92 15.33 -20.99
N VAL A 99 5.32 14.48 -20.03
CA VAL A 99 4.35 13.77 -19.17
C VAL A 99 3.97 14.61 -17.96
N HIS A 100 2.70 14.93 -17.84
CA HIS A 100 2.19 15.68 -16.71
C HIS A 100 1.78 14.71 -15.61
N ILE A 101 2.59 14.61 -14.56
CA ILE A 101 2.20 13.82 -13.38
C ILE A 101 1.21 14.67 -12.60
N ASP A 102 -0.09 14.46 -12.86
CA ASP A 102 -1.13 15.26 -12.24
C ASP A 102 -1.44 14.67 -10.87
N THR A 103 -0.70 15.14 -9.87
CA THR A 103 -0.72 14.57 -8.53
C THR A 103 -1.99 14.98 -7.78
N GLU A 104 -2.29 14.31 -6.67
CA GLU A 104 -3.47 14.63 -5.87
C GLU A 104 -3.51 16.12 -5.50
N TRP A 105 -2.37 16.64 -5.06
CA TRP A 105 -2.27 18.01 -4.59
C TRP A 105 -1.71 18.92 -5.63
N ARG A 106 -2.21 20.16 -5.65
CA ARG A 106 -1.49 21.26 -6.26
C ARG A 106 -0.53 21.88 -5.24
N SER A 107 0.55 21.16 -4.93
CA SER A 107 1.53 21.62 -3.92
C SER A 107 2.19 22.92 -4.40
N ASP A 108 2.26 23.06 -5.72
CA ASP A 108 2.75 24.26 -6.36
C ASP A 108 1.95 25.52 -5.97
N TRP A 109 0.64 25.41 -5.86
CA TRP A 109 -0.16 26.56 -5.39
C TRP A 109 0.21 27.01 -4.01
N LYS A 110 0.32 26.05 -3.09
CA LYS A 110 0.72 26.41 -1.72
C LYS A 110 2.15 26.95 -1.66
N TRP A 111 3.08 26.27 -2.33
CA TRP A 111 4.47 26.73 -2.33
C TRP A 111 4.63 28.16 -2.79
N SER A 112 3.92 28.49 -3.87
CA SER A 112 3.90 29.83 -4.44
C SER A 112 3.53 30.91 -3.39
N ARG A 113 2.64 30.57 -2.46
CA ARG A 113 2.22 31.54 -1.39
C ARG A 113 3.22 31.64 -0.24
N VAL A 114 3.95 30.55 0.05
CA VAL A 114 4.86 30.48 1.18
C VAL A 114 6.28 31.01 0.84
N SER A 115 6.79 30.59 -0.31
CA SER A 115 8.14 30.90 -0.75
C SER A 115 8.52 32.39 -0.64
N PRO A 116 7.64 33.32 -1.06
CA PRO A 116 8.05 34.75 -0.97
C PRO A 116 8.31 35.25 0.46
N HIS A 117 7.86 34.52 1.49
CA HIS A 117 8.14 34.91 2.89
C HIS A 117 9.49 34.46 3.39
N LEU A 118 10.21 33.66 2.60
CA LEU A 118 11.41 32.98 3.07
C LEU A 118 12.61 33.33 2.21
N ASP A 119 13.78 33.47 2.82
CA ASP A 119 15.02 33.56 2.05
C ASP A 119 15.76 32.23 2.22
N LEU A 120 15.76 31.43 1.15
CA LEU A 120 16.47 30.14 1.18
C LEU A 120 17.85 30.17 0.54
N LYS A 121 18.27 31.32 0.01
CA LYS A 121 19.56 31.35 -0.73
C LYS A 121 20.73 30.95 0.14
N GLY A 122 21.49 29.94 -0.32
CA GLY A 122 22.68 29.48 0.39
C GLY A 122 22.41 28.67 1.66
N LYS A 123 21.14 28.39 1.97
CA LYS A 123 20.77 27.70 3.22
C LYS A 123 20.78 26.17 3.09
N ARG A 124 21.15 25.50 4.18
CA ARG A 124 20.98 24.03 4.30
C ARG A 124 19.59 23.80 4.85
N VAL A 125 18.77 23.04 4.12
CA VAL A 125 17.37 22.88 4.47
C VAL A 125 17.05 21.43 4.78
N LEU A 126 16.24 21.23 5.81
CA LEU A 126 15.66 19.93 6.09
C LEU A 126 14.12 19.97 5.85
N ASP A 127 13.59 18.98 5.15
CA ASP A 127 12.13 18.89 4.96
C ASP A 127 11.61 17.62 5.68
N VAL A 128 10.88 17.82 6.78
CA VAL A 128 10.42 16.73 7.63
C VAL A 128 9.05 16.25 7.16
N GLY A 129 8.89 14.95 6.92
CA GLY A 129 7.67 14.44 6.28
C GLY A 129 7.58 14.97 4.85
N CYS A 130 8.66 14.79 4.10
CA CYS A 130 8.80 15.38 2.77
C CYS A 130 7.93 14.70 1.69
N GLY A 131 7.26 13.59 2.03
CA GLY A 131 6.53 12.86 0.99
C GLY A 131 7.51 12.44 -0.12
N ASN A 132 7.10 12.58 -1.37
CA ASN A 132 7.95 12.21 -2.49
C ASN A 132 9.08 13.20 -2.78
N GLY A 133 9.21 14.21 -1.93
CA GLY A 133 10.29 15.19 -2.14
C GLY A 133 10.04 16.34 -3.11
N TYR A 134 8.79 16.50 -3.56
CA TYR A 134 8.45 17.59 -4.47
C TYR A 134 8.99 18.95 -3.98
N TYR A 135 8.75 19.24 -2.71
CA TYR A 135 9.19 20.53 -2.20
C TYR A 135 10.70 20.67 -2.15
N GLN A 136 11.45 19.58 -2.00
CA GLN A 136 12.90 19.68 -1.99
C GLN A 136 13.40 20.25 -3.32
N TRP A 137 12.82 19.78 -4.42
CA TRP A 137 13.19 20.34 -5.72
C TRP A 137 12.89 21.82 -5.79
N ARG A 138 11.71 22.20 -5.29
CA ARG A 138 11.33 23.61 -5.32
C ARG A 138 12.20 24.46 -4.40
N MSE A 139 12.67 23.88 -3.30
CA MSE A 139 13.54 24.64 -2.37
C MSE A 139 14.90 24.88 -3.06
O MSE A 139 15.48 25.97 -2.94
CB MSE A 139 13.72 23.86 -1.08
CG MSE A 139 12.44 23.83 -0.25
SE MSE A 139 12.46 22.37 1.02
CE MSE A 139 10.64 22.64 1.69
N LEU A 140 15.39 23.91 -3.83
CA LEU A 140 16.57 24.19 -4.70
C LEU A 140 16.27 25.28 -5.70
N GLY A 141 15.05 25.26 -6.26
CA GLY A 141 14.62 26.29 -7.21
C GLY A 141 14.62 27.68 -6.58
N ALA A 142 14.36 27.76 -5.28
CA ALA A 142 14.39 29.03 -4.54
C ALA A 142 15.79 29.37 -4.01
N GLY A 143 16.81 28.60 -4.38
CA GLY A 143 18.18 29.01 -4.06
C GLY A 143 18.88 28.26 -2.93
N ALA A 144 18.24 27.24 -2.38
CA ALA A 144 18.84 26.50 -1.25
C ALA A 144 20.20 25.90 -1.63
N ASP A 145 21.11 25.88 -0.69
CA ASP A 145 22.41 25.26 -0.95
C ASP A 145 22.25 23.75 -1.11
N SER A 146 21.44 23.15 -0.25
CA SER A 146 21.24 21.70 -0.20
C SER A 146 19.93 21.44 0.55
N VAL A 147 19.26 20.35 0.20
CA VAL A 147 18.03 19.99 0.90
C VAL A 147 18.04 18.50 1.16
N ILE A 148 17.74 18.15 2.40
CA ILE A 148 17.60 16.75 2.80
C ILE A 148 16.15 16.60 3.24
N GLY A 149 15.49 15.59 2.73
CA GLY A 149 14.13 15.27 3.16
C GLY A 149 14.16 14.01 4.00
N VAL A 150 13.29 13.92 5.01
CA VAL A 150 13.12 12.65 5.74
C VAL A 150 11.66 12.20 5.69
N ASP A 151 11.44 10.96 5.27
CA ASP A 151 10.12 10.36 5.33
C ASP A 151 10.29 8.83 5.26
N PRO A 152 9.83 8.09 6.30
CA PRO A 152 9.99 6.64 6.31
C PRO A 152 8.89 5.91 5.55
N ASN A 153 8.85 6.11 4.25
CA ASN A 153 7.87 5.49 3.35
C ASN A 153 8.63 5.13 2.07
N TRP A 154 8.69 3.85 1.74
CA TRP A 154 9.49 3.40 0.59
C TRP A 154 8.97 3.85 -0.74
N LEU A 155 7.65 3.96 -0.86
CA LEU A 155 7.09 4.45 -2.12
C LEU A 155 7.50 5.92 -2.36
N PHE A 156 7.40 6.75 -1.32
CA PHE A 156 7.85 8.15 -1.43
C PHE A 156 9.32 8.20 -1.86
N PHE A 157 10.15 7.36 -1.22
CA PHE A 157 11.57 7.24 -1.57
C PHE A 157 11.75 6.87 -3.04
N CYS A 158 10.99 5.91 -3.54
CA CYS A 158 11.10 5.53 -4.95
C CYS A 158 10.61 6.61 -5.92
N GLN A 159 9.57 7.37 -5.53
CA GLN A 159 9.13 8.51 -6.35
C GLN A 159 10.23 9.57 -6.43
N PHE A 160 10.94 9.79 -5.32
CA PHE A 160 12.09 10.68 -5.33
C PHE A 160 13.20 10.17 -6.27
N GLN A 161 13.50 8.88 -6.16
N GLN A 161 13.50 8.88 -6.16
CA GLN A 161 14.49 8.23 -7.04
CA GLN A 161 14.50 8.23 -7.03
C GLN A 161 14.15 8.41 -8.50
C GLN A 161 14.16 8.38 -8.51
N ALA A 162 12.87 8.28 -8.85
CA ALA A 162 12.43 8.47 -10.26
C ALA A 162 12.84 9.87 -10.80
N MSE A 163 12.65 10.90 -9.97
CA MSE A 163 13.00 12.26 -10.38
C MSE A 163 14.50 12.48 -10.32
O MSE A 163 15.06 13.16 -11.19
CB MSE A 163 12.27 13.31 -9.54
CG MSE A 163 10.74 13.28 -9.67
SE MSE A 163 10.08 13.46 -11.53
CE MSE A 163 9.94 11.61 -12.12
N GLN A 164 15.14 11.95 -9.28
CA GLN A 164 16.58 12.14 -9.14
C GLN A 164 17.36 11.52 -10.30
N ARG A 165 16.79 10.48 -10.91
CA ARG A 165 17.36 9.84 -12.10
C ARG A 165 17.65 10.87 -13.18
N TYR A 166 16.77 11.86 -13.30
CA TYR A 166 16.89 12.92 -14.33
C TYR A 166 17.55 14.21 -13.84
N LEU A 167 17.81 14.27 -12.54
CA LEU A 167 18.44 15.44 -11.90
C LEU A 167 19.59 14.99 -11.00
N PRO A 168 20.52 14.18 -11.56
CA PRO A 168 21.40 13.44 -10.66
C PRO A 168 22.50 14.29 -10.01
N ASP A 169 22.76 15.49 -10.55
CA ASP A 169 23.79 16.37 -10.02
C ASP A 169 23.31 17.33 -8.94
N LEU A 170 22.00 17.46 -8.75
CA LEU A 170 21.48 18.46 -7.81
C LEU A 170 21.59 18.02 -6.34
N PRO A 171 21.89 18.98 -5.45
CA PRO A 171 22.11 18.62 -4.05
C PRO A 171 20.78 18.47 -3.27
N ALA A 172 20.04 17.42 -3.60
CA ALA A 172 18.86 17.02 -2.83
C ALA A 172 18.95 15.54 -2.51
N TRP A 173 18.59 15.17 -1.28
CA TRP A 173 18.67 13.78 -0.84
C TRP A 173 17.39 13.49 -0.12
N HIS A 174 16.92 12.26 -0.28
CA HIS A 174 15.75 11.78 0.42
C HIS A 174 16.19 10.65 1.30
N LEU A 175 15.98 10.74 2.60
CA LEU A 175 16.37 9.68 3.51
C LEU A 175 15.11 9.01 4.03
N PRO A 176 15.04 7.68 3.91
CA PRO A 176 13.83 6.99 4.31
C PRO A 176 13.79 6.76 5.82
N PHE A 177 13.92 7.84 6.59
CA PHE A 177 14.04 7.78 8.04
C PHE A 177 12.91 8.58 8.68
N ALA A 178 12.58 8.25 9.93
CA ALA A 178 11.72 9.13 10.72
C ALA A 178 12.59 10.21 11.37
N LEU A 179 11.99 11.33 11.76
CA LEU A 179 12.71 12.38 12.45
C LEU A 179 13.45 11.85 13.70
N GLU A 180 12.82 10.95 14.47
CA GLU A 180 13.45 10.35 15.67
C GLU A 180 14.72 9.54 15.36
N ASP A 181 14.94 9.17 14.10
CA ASP A 181 16.18 8.50 13.68
C ASP A 181 17.37 9.44 13.53
N LEU A 182 17.14 10.74 13.61
CA LEU A 182 18.27 11.68 13.59
C LEU A 182 18.88 11.74 14.98
N PRO A 183 20.19 12.04 15.08
CA PRO A 183 20.73 12.09 16.44
C PRO A 183 20.22 13.30 17.21
N ALA A 184 20.33 13.23 18.54
CA ALA A 184 19.97 14.35 19.41
C ALA A 184 20.85 15.58 19.16
N ASN A 185 20.23 16.75 19.29
CA ASN A 185 20.92 18.04 19.21
C ASN A 185 21.77 18.21 17.94
N LEU A 186 21.20 17.86 16.80
CA LEU A 186 21.92 17.96 15.54
C LEU A 186 22.26 19.43 15.25
N GLU A 187 21.28 20.31 15.44
CA GLU A 187 21.52 21.77 15.35
C GLU A 187 22.35 22.17 14.13
N GLY A 188 21.98 21.68 12.94
CA GLY A 188 22.81 21.88 11.76
C GLY A 188 22.14 22.45 10.52
N PHE A 189 20.82 22.58 10.56
CA PHE A 189 20.12 23.12 9.39
C PHE A 189 19.80 24.60 9.63
N ASP A 190 19.89 25.40 8.55
CA ASP A 190 19.47 26.81 8.55
C ASP A 190 17.95 26.96 8.56
N THR A 191 17.24 26.05 7.89
CA THR A 191 15.78 26.13 7.78
C THR A 191 15.25 24.73 7.86
N VAL A 192 14.15 24.57 8.59
N VAL A 192 14.18 24.54 8.62
CA VAL A 192 13.47 23.30 8.68
CA VAL A 192 13.50 23.26 8.62
C VAL A 192 12.01 23.51 8.31
C VAL A 192 12.03 23.48 8.33
N PHE A 193 11.46 22.58 7.54
CA PHE A 193 10.05 22.60 7.19
C PHE A 193 9.40 21.39 7.81
N SER A 194 8.23 21.62 8.40
CA SER A 194 7.38 20.50 8.86
C SER A 194 6.02 20.82 8.35
N MSE A 195 5.64 20.17 7.26
CA MSE A 195 4.36 20.49 6.64
C MSE A 195 3.46 19.25 6.65
O MSE A 195 3.79 18.23 6.06
CB MSE A 195 4.58 21.10 5.25
CG MSE A 195 5.33 22.49 5.35
SE MSE A 195 5.48 23.39 3.66
CE MSE A 195 6.59 22.06 2.77
N GLY A 196 2.35 19.33 7.38
CA GLY A 196 1.39 18.22 7.41
C GLY A 196 1.75 17.09 8.37
N VAL A 197 2.51 17.40 9.42
CA VAL A 197 2.98 16.39 10.38
C VAL A 197 2.43 16.62 11.77
N LEU A 198 2.38 17.89 12.19
CA LEU A 198 2.01 18.17 13.58
C LEU A 198 0.68 17.53 14.02
N TYR A 199 -0.34 17.57 13.16
CA TYR A 199 -1.66 17.03 13.56
C TYR A 199 -1.69 15.52 13.76
N HIS A 200 -0.66 14.83 13.28
CA HIS A 200 -0.53 13.38 13.48
C HIS A 200 0.32 13.04 14.67
N ARG A 201 0.75 14.02 15.46
CA ARG A 201 1.67 13.75 16.57
C ARG A 201 0.94 13.84 17.92
N LYS A 202 0.96 12.75 18.70
CA LYS A 202 0.36 12.69 20.06
C LYS A 202 0.90 13.84 20.92
N SER A 203 2.19 14.13 20.74
CA SER A 203 2.86 15.20 21.45
C SER A 203 3.27 16.35 20.52
N PRO A 204 2.37 17.34 20.33
CA PRO A 204 2.77 18.43 19.44
C PRO A 204 3.96 19.22 20.00
N ILE A 205 4.05 19.38 21.32
CA ILE A 205 5.18 20.16 21.89
C ILE A 205 6.51 19.42 21.66
N ASP A 206 6.52 18.10 21.82
CA ASP A 206 7.77 17.37 21.55
C ASP A 206 8.14 17.45 20.10
N HIS A 207 7.16 17.50 19.20
CA HIS A 207 7.47 17.69 17.79
C HIS A 207 8.15 19.01 17.57
N LEU A 208 7.61 20.06 18.15
CA LEU A 208 8.19 21.39 17.97
C LEU A 208 9.62 21.45 18.52
N LEU A 209 9.84 20.80 19.67
CA LEU A 209 11.19 20.80 20.27
C LEU A 209 12.17 19.99 19.41
N ALA A 210 11.71 18.86 18.85
CA ALA A 210 12.56 18.07 17.97
C ALA A 210 12.97 18.87 16.75
N LEU A 211 12.05 19.69 16.21
CA LEU A 211 12.36 20.53 15.05
C LEU A 211 13.35 21.62 15.45
N LYS A 212 13.12 22.24 16.61
CA LYS A 212 14.06 23.24 17.10
C LYS A 212 15.48 22.63 17.20
N ASP A 213 15.58 21.40 17.71
CA ASP A 213 16.89 20.73 17.89
C ASP A 213 17.59 20.41 16.57
N CYS A 214 16.87 20.45 15.44
CA CYS A 214 17.46 20.30 14.09
C CYS A 214 18.15 21.58 13.58
N LEU A 215 17.81 22.73 14.18
CA LEU A 215 18.20 24.04 13.66
C LEU A 215 19.48 24.56 14.29
N VAL A 216 20.30 25.22 13.49
CA VAL A 216 21.33 26.09 14.08
C VAL A 216 20.63 27.21 14.84
N LYS A 217 21.30 27.79 15.83
CA LYS A 217 20.80 28.97 16.48
C LYS A 217 20.70 30.07 15.39
N GLY A 218 19.60 30.80 15.38
CA GLY A 218 19.32 31.75 14.30
C GLY A 218 18.58 31.11 13.13
N GLY A 219 18.44 29.78 13.14
CA GLY A 219 17.68 29.06 12.11
C GLY A 219 16.19 29.38 12.11
N GLU A 220 15.52 28.96 11.05
N GLU A 220 15.50 29.01 11.04
CA GLU A 220 14.09 29.22 10.81
CA GLU A 220 14.07 29.27 10.95
C GLU A 220 13.26 27.92 10.76
C GLU A 220 13.24 28.00 10.72
N LEU A 221 12.12 27.90 11.46
CA LEU A 221 11.14 26.84 11.30
C LEU A 221 9.96 27.32 10.44
N VAL A 222 9.57 26.51 9.45
CA VAL A 222 8.35 26.77 8.69
C VAL A 222 7.43 25.59 9.00
N MSE A 223 6.33 25.89 9.69
CA MSE A 223 5.41 24.86 10.20
C MSE A 223 4.05 25.01 9.51
O MSE A 223 3.46 26.07 9.55
CB MSE A 223 5.30 25.05 11.73
CG MSE A 223 3.99 24.71 12.39
SE MSE A 223 3.68 22.83 12.34
CE MSE A 223 5.36 22.16 13.09
N GLU A 224 3.57 23.96 8.85
CA GLU A 224 2.22 23.97 8.29
C GLU A 224 1.42 22.86 8.93
N THR A 225 0.23 23.19 9.41
CA THR A 225 -0.62 22.13 9.95
C THR A 225 -2.09 22.51 9.88
N LEU A 226 -2.95 21.54 10.23
CA LEU A 226 -4.38 21.78 10.29
C LEU A 226 -4.74 22.57 11.56
N VAL A 227 -5.59 23.58 11.36
CA VAL A 227 -6.00 24.51 12.40
C VAL A 227 -7.53 24.69 12.41
N ILE A 228 -8.06 25.34 13.44
CA ILE A 228 -9.48 25.68 13.49
C ILE A 228 -9.60 27.20 13.74
N PRO A 229 -10.80 27.78 13.50
CA PRO A 229 -10.97 29.17 13.88
C PRO A 229 -10.95 29.35 15.40
N GLY A 230 -10.76 30.58 15.86
CA GLY A 230 -11.00 30.89 17.26
C GLY A 230 -9.83 31.50 17.98
N ASP A 231 -10.02 31.77 19.27
CA ASP A 231 -9.00 32.40 20.08
C ASP A 231 -7.94 31.41 20.58
N VAL A 232 -7.01 31.92 21.38
CA VAL A 232 -5.88 31.21 21.92
C VAL A 232 -6.22 29.95 22.75
N HIS A 233 -7.46 29.85 23.24
CA HIS A 233 -7.88 28.70 24.03
C HIS A 233 -8.59 27.61 23.27
N GLN A 234 -8.82 27.80 21.97
CA GLN A 234 -9.61 26.85 21.17
C GLN A 234 -8.70 25.79 20.56
N VAL A 235 -8.96 24.53 20.91
CA VAL A 235 -8.14 23.40 20.46
C VAL A 235 -9.08 22.21 20.26
N LEU A 236 -9.13 21.72 19.04
CA LEU A 236 -9.91 20.53 18.76
C LEU A 236 -9.08 19.25 18.78
N VAL A 237 -9.59 18.23 19.46
CA VAL A 237 -9.08 16.87 19.34
C VAL A 237 -10.29 16.02 18.91
N PRO A 238 -10.23 15.38 17.72
CA PRO A 238 -11.45 14.63 17.37
C PRO A 238 -11.74 13.42 18.27
N GLU A 239 -13.04 13.10 18.46
CA GLU A 239 -13.41 11.90 19.21
C GLU A 239 -12.88 10.64 18.48
N ASP A 240 -12.96 10.65 17.15
N ASP A 240 -12.99 10.66 17.15
CA ASP A 240 -12.54 9.50 16.35
CA ASP A 240 -12.62 9.52 16.32
C ASP A 240 -11.76 10.00 15.14
C ASP A 240 -11.78 10.02 15.16
N ARG A 241 -12.35 9.97 13.95
CA ARG A 241 -11.65 10.38 12.74
C ARG A 241 -11.82 11.87 12.45
N TYR A 242 -10.89 12.42 11.67
CA TYR A 242 -11.04 13.78 11.16
C TYR A 242 -10.78 13.73 9.66
N ALA A 243 -11.79 14.12 8.88
CA ALA A 243 -11.73 13.97 7.42
C ALA A 243 -11.36 12.52 7.04
N GLN A 244 -11.99 11.56 7.72
CA GLN A 244 -11.73 10.10 7.58
C GLN A 244 -10.34 9.62 7.98
N MSE A 245 -9.48 10.51 8.47
CA MSE A 245 -8.14 10.12 8.89
C MSE A 245 -8.11 9.60 10.32
O MSE A 245 -8.74 10.20 11.20
CB MSE A 245 -7.17 11.31 8.79
CG MSE A 245 -6.84 11.72 7.36
SE MSE A 245 -5.55 13.18 7.40
CE MSE A 245 -6.63 14.58 8.27
N ARG A 246 -7.37 8.51 10.54
CA ARG A 246 -6.99 8.06 11.88
C ARG A 246 -5.77 8.82 12.40
N ASN A 247 -5.45 8.65 13.69
N ASN A 247 -5.48 8.64 13.69
CA ASN A 247 -4.21 9.22 14.26
CA ASN A 247 -4.26 9.17 14.30
C ASN A 247 -4.15 10.74 14.15
C ASN A 247 -4.15 10.70 14.18
N VAL A 248 -5.30 11.39 14.18
CA VAL A 248 -5.32 12.86 14.20
C VAL A 248 -5.46 13.28 15.67
N TRP A 249 -4.52 14.12 16.12
CA TRP A 249 -4.50 14.59 17.48
C TRP A 249 -4.95 16.04 17.63
N PHE A 250 -4.02 16.96 17.85
CA PHE A 250 -4.37 18.36 18.10
C PHE A 250 -4.52 19.23 16.86
N LEU A 251 -5.67 19.91 16.79
CA LEU A 251 -5.99 20.91 15.78
C LEU A 251 -6.22 22.21 16.53
N PRO A 252 -5.14 22.94 16.80
CA PRO A 252 -5.25 24.18 17.59
C PRO A 252 -5.77 25.33 16.73
N SER A 253 -6.28 26.38 17.35
CA SER A 253 -6.44 27.64 16.59
C SER A 253 -5.05 28.19 16.20
N VAL A 254 -5.03 29.12 15.24
CA VAL A 254 -3.79 29.81 14.90
C VAL A 254 -3.15 30.51 16.12
N PRO A 255 -3.92 31.32 16.91
CA PRO A 255 -3.26 31.89 18.10
C PRO A 255 -2.76 30.85 19.11
N ALA A 256 -3.46 29.73 19.26
CA ALA A 256 -3.01 28.64 20.14
C ALA A 256 -1.67 28.08 19.63
N LEU A 257 -1.60 27.82 18.33
CA LEU A 257 -0.40 27.22 17.77
C LEU A 257 0.77 28.19 17.90
N GLU A 258 0.51 29.48 17.69
CA GLU A 258 1.59 30.49 17.83
C GLU A 258 2.13 30.50 19.25
N LEU A 259 1.22 30.43 20.23
CA LEU A 259 1.63 30.37 21.64
C LEU A 259 2.44 29.10 21.91
N TRP A 260 2.02 27.97 21.36
CA TRP A 260 2.79 26.72 21.61
C TRP A 260 4.19 26.80 21.09
N MSE A 261 4.33 27.40 19.90
CA MSE A 261 5.65 27.64 19.31
C MSE A 261 6.51 28.57 20.16
O MSE A 261 7.70 28.31 20.32
CB MSE A 261 5.51 28.15 17.87
CG MSE A 261 5.02 27.02 16.98
SE MSE A 261 4.55 27.67 15.24
CE MSE A 261 6.37 28.25 14.75
N ARG A 262 5.91 29.62 20.74
CA ARG A 262 6.63 30.46 21.72
C ARG A 262 7.04 29.67 22.97
N ARG A 263 6.13 28.84 23.50
CA ARG A 263 6.52 27.99 24.64
C ARG A 263 7.59 26.99 24.29
N ALA A 264 7.64 26.56 23.03
CA ALA A 264 8.68 25.62 22.60
C ALA A 264 10.00 26.36 22.38
N GLY A 265 9.95 27.69 22.50
CA GLY A 265 11.14 28.51 22.53
C GLY A 265 11.48 29.17 21.19
N PHE A 266 10.51 29.28 20.28
CA PHE A 266 10.74 30.03 19.05
C PHE A 266 10.41 31.50 19.27
N THR A 267 11.06 32.37 18.49
N THR A 267 11.06 32.36 18.48
CA THR A 267 10.76 33.80 18.54
CA THR A 267 10.80 33.80 18.53
C THR A 267 10.34 34.28 17.15
C THR A 267 10.35 34.29 17.14
N ASP A 268 9.94 35.55 17.05
CA ASP A 268 9.41 36.13 15.77
C ASP A 268 8.33 35.22 15.15
N VAL A 269 7.48 34.67 16.00
CA VAL A 269 6.49 33.67 15.56
C VAL A 269 5.32 34.40 14.93
N ARG A 270 4.98 34.04 13.68
CA ARG A 270 3.80 34.64 13.03
C ARG A 270 3.26 33.80 11.90
N CYS A 271 1.96 33.93 11.69
CA CYS A 271 1.29 33.22 10.62
C CYS A 271 1.50 33.97 9.32
N VAL A 272 2.04 33.30 8.29
CA VAL A 272 2.20 33.96 6.99
C VAL A 272 1.10 33.62 5.97
N ASP A 273 0.38 32.52 6.19
CA ASP A 273 -0.66 32.04 5.28
C ASP A 273 -1.69 31.18 6.01
N VAL A 274 -2.97 31.48 5.82
N VAL A 274 -2.98 31.40 5.77
CA VAL A 274 -4.07 30.64 6.27
CA VAL A 274 -4.01 30.54 6.34
C VAL A 274 -5.00 30.46 5.10
C VAL A 274 -5.20 30.49 5.40
N SER A 275 -5.59 29.28 4.98
CA SER A 275 -6.66 29.08 4.01
C SER A 275 -7.38 27.77 4.24
N HIS A 276 -8.65 27.74 3.84
CA HIS A 276 -9.40 26.48 3.77
C HIS A 276 -8.98 25.73 2.54
N THR A 277 -8.71 24.44 2.71
CA THR A 277 -8.24 23.63 1.59
C THR A 277 -9.40 23.40 0.62
N THR A 278 -9.15 23.56 -0.67
CA THR A 278 -10.24 23.49 -1.66
C THR A 278 -10.20 22.16 -2.42
N VAL A 279 -11.34 21.73 -2.95
CA VAL A 279 -11.36 20.51 -3.75
C VAL A 279 -10.62 20.73 -5.08
N GLU A 280 -10.31 21.99 -5.38
N GLU A 280 -10.29 21.98 -5.44
CA GLU A 280 -9.54 22.35 -6.57
CA GLU A 280 -9.45 22.21 -6.64
C GLU A 280 -8.03 22.06 -6.37
C GLU A 280 -7.98 21.90 -6.36
N GLU A 281 -7.56 22.13 -5.13
CA GLU A 281 -6.15 21.95 -4.82
C GLU A 281 -5.82 20.53 -4.31
N GLN A 282 -6.86 19.78 -3.93
CA GLN A 282 -6.68 18.40 -3.44
C GLN A 282 -7.84 17.52 -3.93
N ARG A 283 -7.53 16.59 -4.84
CA ARG A 283 -8.56 15.75 -5.46
C ARG A 283 -7.98 14.51 -6.09
N SER A 284 -8.81 13.48 -6.29
CA SER A 284 -8.38 12.27 -6.99
C SER A 284 -8.07 12.59 -8.46
N THR A 285 -7.11 11.87 -9.02
CA THR A 285 -6.71 12.05 -10.41
C THR A 285 -6.35 10.67 -10.96
N GLU A 286 -6.04 10.59 -12.26
CA GLU A 286 -5.52 9.37 -12.84
C GLU A 286 -4.29 8.85 -12.10
N TRP A 287 -3.52 9.76 -11.50
CA TRP A 287 -2.26 9.42 -10.81
C TRP A 287 -2.39 9.11 -9.34
N MSE A 288 -3.59 9.33 -8.81
CA MSE A 288 -3.90 9.11 -7.40
C MSE A 288 -5.41 8.81 -7.33
O MSE A 288 -6.21 9.72 -7.15
CB MSE A 288 -3.51 10.34 -6.57
CG MSE A 288 -3.10 10.03 -5.15
SE MSE A 288 -4.40 9.00 -4.13
CE MSE A 288 -5.76 10.42 -3.95
N ARG A 289 -5.76 7.54 -7.53
CA ARG A 289 -7.14 7.10 -7.80
C ARG A 289 -7.97 6.98 -6.55
N PHE A 290 -7.33 7.02 -5.40
CA PHE A 290 -8.01 6.76 -4.15
C PHE A 290 -8.79 7.98 -3.69
N GLN A 291 -9.59 7.83 -2.65
CA GLN A 291 -10.44 8.93 -2.20
C GLN A 291 -9.64 10.14 -1.75
N SER A 292 -10.27 11.31 -1.82
CA SER A 292 -9.58 12.55 -1.54
C SER A 292 -10.53 13.55 -0.88
N LEU A 293 -10.13 14.82 -0.84
CA LEU A 293 -10.85 15.79 -0.01
C LEU A 293 -12.39 15.80 -0.17
N GLY A 294 -12.86 15.83 -1.42
CA GLY A 294 -14.29 15.95 -1.69
C GLY A 294 -15.04 14.78 -1.04
N ASP A 295 -14.41 13.62 -0.98
CA ASP A 295 -15.02 12.45 -0.38
C ASP A 295 -15.13 12.55 1.12
N TYR A 296 -14.30 13.40 1.72
CA TYR A 296 -14.20 13.49 3.17
C TYR A 296 -14.94 14.69 3.75
N LEU A 297 -15.54 15.51 2.89
CA LEU A 297 -16.32 16.66 3.32
C LEU A 297 -17.80 16.29 3.38
N ASP A 298 -18.55 16.99 4.22
CA ASP A 298 -20.00 16.81 4.28
C ASP A 298 -20.58 17.13 2.88
N PRO A 299 -21.25 16.16 2.25
CA PRO A 299 -21.70 16.43 0.88
C PRO A 299 -22.68 17.61 0.76
N ASN A 300 -23.31 18.00 1.87
CA ASN A 300 -24.24 19.14 1.89
C ASN A 300 -23.68 20.42 2.46
N ASP A 301 -22.45 20.38 2.95
CA ASP A 301 -21.85 21.53 3.60
C ASP A 301 -20.33 21.39 3.57
N HIS A 302 -19.72 21.93 2.53
CA HIS A 302 -18.28 21.87 2.37
C HIS A 302 -17.50 22.63 3.42
N SER A 303 -18.16 23.35 4.32
CA SER A 303 -17.45 23.92 5.47
C SER A 303 -17.25 22.91 6.64
N LYS A 304 -17.75 21.68 6.47
CA LYS A 304 -17.65 20.62 7.47
C LYS A 304 -17.10 19.33 6.86
N THR A 305 -16.41 18.54 7.68
CA THR A 305 -15.98 17.19 7.29
C THR A 305 -17.18 16.24 7.37
N VAL A 306 -17.07 15.01 6.84
CA VAL A 306 -18.16 14.02 7.00
C VAL A 306 -18.53 13.72 8.47
N GLU A 307 -17.63 14.04 9.41
CA GLU A 307 -17.90 13.82 10.84
C GLU A 307 -18.68 14.99 11.44
N GLY A 308 -18.90 16.03 10.64
CA GLY A 308 -19.51 17.28 11.12
C GLY A 308 -18.51 18.24 11.76
N LEU A 309 -17.21 17.97 11.63
CA LEU A 309 -16.18 18.86 12.23
C LEU A 309 -15.81 19.99 11.25
N PRO A 310 -15.20 21.10 11.74
CA PRO A 310 -14.81 22.18 10.80
C PRO A 310 -13.91 21.60 9.70
N ALA A 311 -14.14 22.02 8.45
CA ALA A 311 -13.41 21.47 7.31
C ALA A 311 -11.92 21.85 7.35
N PRO A 312 -11.07 21.12 6.61
CA PRO A 312 -9.61 21.32 6.68
C PRO A 312 -9.20 22.76 6.39
N MSE A 313 -8.41 23.32 7.30
CA MSE A 313 -7.90 24.66 7.15
C MSE A 313 -6.43 24.58 7.53
O MSE A 313 -6.10 24.06 8.58
CB MSE A 313 -8.63 25.64 8.09
CG MSE A 313 -8.11 27.09 7.98
SE MSE A 313 -9.28 28.33 8.92
CE MSE A 313 -9.27 27.50 10.56
N ARG A 314 -5.54 25.03 6.66
CA ARG A 314 -4.13 24.94 6.94
C ARG A 314 -3.52 26.32 7.17
N ALA A 315 -2.70 26.40 8.21
CA ALA A 315 -1.92 27.61 8.49
C ALA A 315 -0.44 27.33 8.35
N VAL A 316 0.30 28.32 7.86
CA VAL A 316 1.74 28.24 7.76
C VAL A 316 2.28 29.28 8.73
N ILE A 317 3.07 28.81 9.70
CA ILE A 317 3.64 29.69 10.73
C ILE A 317 5.15 29.63 10.64
N VAL A 318 5.81 30.79 10.70
CA VAL A 318 7.26 30.86 10.65
C VAL A 318 7.78 31.34 12.01
N GLY A 319 8.93 30.81 12.43
CA GLY A 319 9.53 31.27 13.68
C GLY A 319 11.02 31.07 13.61
N ARG A 320 11.75 31.71 14.51
N ARG A 320 11.74 31.66 14.56
CA ARG A 320 13.21 31.61 14.54
CA ARG A 320 13.20 31.68 14.57
C ARG A 320 13.63 30.94 15.83
C ARG A 320 13.70 31.05 15.87
N LYS A 321 14.75 30.23 15.78
CA LYS A 321 15.40 29.68 16.96
C LYS A 321 16.28 30.80 17.55
N PRO A 322 15.98 31.24 18.80
CA PRO A 322 16.66 32.41 19.40
C PRO A 322 18.00 32.07 19.98
N MSE B 4 -26.43 -22.23 -15.75
CA MSE B 4 -25.52 -23.32 -15.27
C MSE B 4 -24.10 -23.20 -15.80
O MSE B 4 -23.87 -22.74 -16.92
CB MSE B 4 -26.10 -24.71 -15.60
CG MSE B 4 -27.17 -25.23 -14.64
SE MSE B 4 -26.86 -25.01 -12.69
CE MSE B 4 -24.89 -25.12 -12.61
N ILE B 5 -23.15 -23.64 -14.98
CA ILE B 5 -21.73 -23.66 -15.36
C ILE B 5 -21.36 -25.04 -15.88
N ASP B 6 -20.76 -25.07 -17.07
CA ASP B 6 -20.42 -26.33 -17.73
C ASP B 6 -19.02 -26.76 -17.32
N LEU B 7 -18.92 -27.86 -16.59
CA LEU B 7 -17.63 -28.38 -16.12
C LEU B 7 -17.01 -29.42 -17.04
N ALA B 8 -17.61 -29.66 -18.21
CA ALA B 8 -17.04 -30.63 -19.16
C ALA B 8 -15.56 -30.38 -19.48
N PRO B 9 -15.12 -29.11 -19.64
CA PRO B 9 -13.68 -28.95 -19.94
C PRO B 9 -12.76 -29.38 -18.77
N LEU B 10 -13.22 -29.18 -17.54
CA LEU B 10 -12.48 -29.63 -16.37
C LEU B 10 -12.38 -31.17 -16.37
N VAL B 11 -13.50 -31.84 -16.66
CA VAL B 11 -13.52 -33.31 -16.71
C VAL B 11 -12.53 -33.86 -17.74
N ARG B 12 -12.49 -33.21 -18.90
CA ARG B 12 -11.54 -33.55 -19.96
C ARG B 12 -10.10 -33.33 -19.53
N ARG B 13 -9.85 -32.20 -18.86
CA ARG B 13 -8.52 -31.83 -18.40
C ARG B 13 -8.00 -32.83 -17.37
N LEU B 14 -8.91 -33.41 -16.58
CA LEU B 14 -8.53 -34.30 -15.48
C LEU B 14 -8.58 -35.79 -15.81
N ALA B 15 -9.06 -36.13 -17.00
CA ALA B 15 -9.09 -37.54 -17.43
C ALA B 15 -7.67 -38.09 -17.33
N GLY B 16 -7.55 -39.36 -16.96
CA GLY B 16 -6.25 -40.00 -16.90
C GLY B 16 -5.38 -39.65 -15.69
N THR B 17 -5.86 -38.78 -14.80
CA THR B 17 -5.14 -38.42 -13.58
C THR B 17 -5.85 -39.04 -12.35
N PRO B 18 -5.24 -38.98 -11.16
CA PRO B 18 -5.93 -39.52 -9.96
C PRO B 18 -7.20 -38.74 -9.58
N LEU B 19 -7.39 -37.58 -10.20
CA LEU B 19 -8.57 -36.73 -10.00
C LEU B 19 -9.76 -37.05 -10.92
N ALA B 20 -9.57 -37.96 -11.87
CA ALA B 20 -10.62 -38.30 -12.87
C ALA B 20 -11.96 -38.72 -12.26
N GLU B 21 -11.95 -39.71 -11.37
CA GLU B 21 -13.20 -40.16 -10.74
C GLU B 21 -13.99 -39.03 -10.06
N TRP B 22 -13.29 -38.25 -9.22
CA TRP B 22 -13.89 -37.07 -8.57
C TRP B 22 -14.42 -36.09 -9.59
N ALA B 23 -13.63 -35.76 -10.60
CA ALA B 23 -14.10 -34.82 -11.64
C ALA B 23 -15.42 -35.29 -12.31
N ASN B 24 -15.60 -36.60 -12.47
CA ASN B 24 -16.81 -37.16 -13.09
C ASN B 24 -18.07 -36.94 -12.24
N GLY B 25 -17.89 -36.60 -10.96
CA GLY B 25 -19.03 -36.31 -10.10
C GLY B 25 -19.27 -34.83 -9.85
N LEU B 26 -18.36 -33.97 -10.31
CA LEU B 26 -18.38 -32.55 -9.96
C LEU B 26 -19.57 -31.76 -10.47
N GLN B 27 -20.01 -32.03 -11.70
CA GLN B 27 -21.09 -31.24 -12.30
C GLN B 27 -22.36 -31.41 -11.47
N ALA B 28 -22.65 -32.64 -11.05
CA ALA B 28 -23.84 -32.95 -10.25
C ALA B 28 -23.76 -32.28 -8.87
N GLN B 29 -22.57 -32.29 -8.28
CA GLN B 29 -22.33 -31.63 -7.00
C GLN B 29 -22.45 -30.11 -7.12
N LEU B 30 -21.86 -29.54 -8.17
CA LEU B 30 -21.96 -28.10 -8.37
C LEU B 30 -23.43 -27.66 -8.57
N ASP B 31 -24.16 -28.41 -9.41
CA ASP B 31 -25.57 -28.11 -9.71
C ASP B 31 -26.43 -28.09 -8.44
N THR B 32 -26.22 -29.06 -7.56
CA THR B 32 -26.93 -29.13 -6.29
C THR B 32 -26.55 -27.98 -5.37
N LYS B 33 -25.26 -27.65 -5.31
CA LYS B 33 -24.78 -26.57 -4.46
C LYS B 33 -25.37 -25.26 -4.95
N MSE B 34 -25.36 -25.07 -6.26
CA MSE B 34 -25.99 -23.87 -6.84
C MSE B 34 -27.51 -23.76 -6.65
O MSE B 34 -28.04 -22.64 -6.58
CB MSE B 34 -25.56 -23.71 -8.29
CG MSE B 34 -24.07 -23.32 -8.36
SE MSE B 34 -23.53 -22.94 -10.14
CE MSE B 34 -24.97 -21.67 -10.61
N SER B 35 -28.21 -24.88 -6.53
CA SER B 35 -29.62 -24.87 -6.11
C SER B 35 -29.78 -24.32 -4.70
N LYS B 36 -28.95 -24.83 -3.80
CA LYS B 36 -28.96 -24.42 -2.39
C LYS B 36 -28.68 -22.93 -2.29
N GLY B 37 -27.74 -22.47 -3.12
CA GLY B 37 -27.30 -21.07 -3.10
C GLY B 37 -28.09 -20.12 -3.97
N HIS B 38 -29.20 -20.59 -4.56
CA HIS B 38 -29.98 -19.76 -5.48
C HIS B 38 -30.35 -18.40 -4.95
N GLY B 39 -30.88 -18.36 -3.72
CA GLY B 39 -31.26 -17.13 -3.04
C GLY B 39 -30.08 -16.17 -2.89
N ASP B 40 -28.95 -16.70 -2.38
CA ASP B 40 -27.70 -15.94 -2.30
C ASP B 40 -27.25 -15.39 -3.66
N LEU B 41 -27.21 -16.26 -4.67
CA LEU B 41 -26.79 -15.89 -6.04
C LEU B 41 -27.65 -14.79 -6.71
N GLN B 42 -28.93 -14.70 -6.35
CA GLN B 42 -29.82 -13.71 -6.97
C GLN B 42 -29.37 -12.30 -6.68
N ARG B 43 -28.78 -12.09 -5.49
CA ARG B 43 -28.28 -10.78 -5.09
C ARG B 43 -27.35 -10.20 -6.15
N TRP B 44 -26.55 -11.05 -6.79
CA TRP B 44 -25.47 -10.59 -7.68
C TRP B 44 -25.67 -10.77 -9.15
N GLN B 45 -26.83 -11.29 -9.54
CA GLN B 45 -27.15 -11.60 -10.94
C GLN B 45 -27.20 -10.39 -11.87
N SER B 46 -27.88 -9.32 -11.44
CA SER B 46 -27.98 -8.12 -12.26
C SER B 46 -26.62 -7.50 -12.53
N ALA B 47 -25.72 -7.55 -11.54
CA ALA B 47 -24.36 -7.05 -11.74
C ALA B 47 -23.61 -7.91 -12.77
N LEU B 48 -23.69 -9.23 -12.63
CA LEU B 48 -23.10 -10.15 -13.63
C LEU B 48 -23.70 -9.97 -15.02
N ASP B 49 -25.01 -9.83 -15.08
CA ASP B 49 -25.71 -9.58 -16.35
C ASP B 49 -25.35 -8.26 -17.03
N ALA B 50 -24.95 -7.27 -16.24
CA ALA B 50 -24.59 -5.95 -16.76
C ALA B 50 -23.17 -5.89 -17.35
N LEU B 51 -22.35 -6.92 -17.11
CA LEU B 51 -20.98 -6.93 -17.63
C LEU B 51 -20.97 -6.89 -19.16
N PRO B 52 -20.34 -5.85 -19.74
CA PRO B 52 -20.32 -5.69 -21.20
C PRO B 52 -19.58 -6.83 -21.88
N ALA B 53 -20.03 -7.20 -23.08
CA ALA B 53 -19.36 -8.21 -23.88
C ALA B 53 -18.03 -7.63 -24.42
N LEU B 54 -16.90 -8.09 -23.91
CA LEU B 54 -15.61 -7.59 -24.36
C LEU B 54 -14.66 -8.77 -24.33
N GLN B 55 -13.69 -8.81 -25.24
N GLN B 55 -13.66 -8.71 -25.22
CA GLN B 55 -12.66 -9.84 -25.13
CA GLN B 55 -12.62 -9.71 -25.34
C GLN B 55 -11.29 -9.19 -25.27
C GLN B 55 -11.26 -9.03 -25.21
N PRO B 56 -10.36 -9.59 -24.38
CA PRO B 56 -9.04 -8.96 -24.26
C PRO B 56 -8.25 -9.09 -25.54
N GLU B 57 -7.48 -8.06 -25.86
CA GLU B 57 -6.51 -8.12 -26.97
C GLU B 57 -5.15 -8.46 -26.38
N LYS B 58 -4.98 -8.20 -25.09
CA LYS B 58 -3.73 -8.43 -24.40
C LYS B 58 -4.07 -8.89 -22.97
N VAL B 59 -3.41 -9.97 -22.53
CA VAL B 59 -3.65 -10.50 -21.18
C VAL B 59 -2.29 -10.68 -20.52
N ASP B 60 -2.13 -10.09 -19.32
CA ASP B 60 -0.99 -10.34 -18.44
C ASP B 60 -1.48 -10.91 -17.11
N LEU B 61 -0.99 -12.11 -16.81
CA LEU B 61 -1.27 -12.78 -15.55
C LEU B 61 0.04 -13.08 -14.85
N THR B 62 1.14 -12.82 -15.53
CA THR B 62 2.45 -13.19 -15.01
C THR B 62 3.01 -12.19 -13.99
N ASP B 63 2.89 -10.88 -14.27
CA ASP B 63 3.46 -9.82 -13.42
C ASP B 63 2.37 -9.05 -12.68
N SER B 64 1.13 -9.30 -13.06
CA SER B 64 -0.05 -8.66 -12.47
C SER B 64 -1.30 -9.34 -13.07
N PHE B 65 -2.49 -8.85 -12.72
CA PHE B 65 -3.70 -9.19 -13.45
C PHE B 65 -4.07 -7.94 -14.23
N THR B 66 -3.81 -7.97 -15.54
CA THR B 66 -4.09 -6.84 -16.41
C THR B 66 -4.68 -7.34 -17.75
N LEU B 67 -5.87 -6.86 -18.06
CA LEU B 67 -6.54 -7.17 -19.33
C LEU B 67 -6.71 -5.88 -20.08
N GLU B 68 -6.37 -5.90 -21.35
CA GLU B 68 -6.47 -4.70 -22.18
C GLU B 68 -7.27 -4.96 -23.44
N THR B 69 -8.06 -3.97 -23.86
CA THR B 69 -8.79 -4.04 -25.11
C THR B 69 -9.25 -2.66 -25.54
N GLU B 70 -9.69 -2.54 -26.80
CA GLU B 70 -10.34 -1.31 -27.25
C GLU B 70 -11.70 -1.14 -26.53
N CYS B 71 -11.82 -0.07 -25.77
CA CYS B 71 -13.02 0.15 -24.96
C CYS B 71 -13.21 1.66 -24.76
N ASP B 72 -14.33 2.18 -25.23
CA ASP B 72 -14.63 3.62 -25.04
C ASP B 72 -15.17 3.94 -23.64
N GLY B 73 -15.27 5.24 -23.35
CA GLY B 73 -15.72 5.73 -22.05
C GLY B 73 -17.08 5.22 -21.58
N GLU B 74 -18.05 5.14 -22.50
CA GLU B 74 -19.42 4.72 -22.16
C GLU B 74 -19.53 3.24 -21.76
N THR B 75 -18.74 2.40 -22.42
CA THR B 75 -18.65 0.97 -22.08
C THR B 75 -17.90 0.78 -20.76
N ARG B 76 -16.83 1.54 -20.57
CA ARG B 76 -16.06 1.51 -19.34
C ARG B 76 -16.91 1.89 -18.13
N THR B 77 -17.80 2.87 -18.31
CA THR B 77 -18.73 3.33 -17.28
C THR B 77 -19.65 2.19 -16.87
N VAL B 78 -20.21 1.49 -17.86
CA VAL B 78 -21.05 0.33 -17.63
C VAL B 78 -20.24 -0.78 -16.92
N LEU B 79 -19.04 -1.06 -17.42
CA LEU B 79 -18.17 -2.06 -16.82
C LEU B 79 -17.90 -1.76 -15.35
N ARG B 80 -17.51 -0.52 -15.07
CA ARG B 80 -17.17 -0.08 -13.71
C ARG B 80 -18.37 -0.26 -12.76
N LYS B 81 -19.53 0.22 -13.18
CA LYS B 81 -20.76 0.14 -12.37
C LYS B 81 -21.13 -1.33 -12.04
N ALA B 82 -21.01 -2.21 -13.02
CA ALA B 82 -21.32 -3.63 -12.85
C ALA B 82 -20.37 -4.24 -11.84
N LEU B 83 -19.08 -3.99 -12.03
CA LEU B 83 -18.07 -4.49 -11.10
C LEU B 83 -18.27 -3.97 -9.69
N LEU B 84 -18.67 -2.70 -9.54
CA LEU B 84 -18.93 -2.15 -8.21
C LEU B 84 -20.12 -2.82 -7.55
N GLY B 85 -21.01 -3.37 -8.37
CA GLY B 85 -22.19 -4.10 -7.89
C GLY B 85 -21.80 -5.41 -7.22
N LEU B 86 -20.55 -5.83 -7.38
CA LEU B 86 -20.07 -7.04 -6.70
C LEU B 86 -19.20 -6.72 -5.48
N SER B 87 -19.26 -5.48 -5.00
CA SER B 87 -18.51 -5.09 -3.80
C SER B 87 -19.09 -5.86 -2.59
N PRO B 88 -18.26 -6.15 -1.56
CA PRO B 88 -16.85 -5.78 -1.34
C PRO B 88 -15.80 -6.70 -1.99
N TRP B 89 -14.77 -6.10 -2.60
CA TRP B 89 -13.66 -6.84 -3.25
C TRP B 89 -12.46 -6.93 -2.34
N ARG B 90 -12.04 -8.14 -1.99
CA ARG B 90 -10.95 -8.30 -1.01
C ARG B 90 -9.60 -8.62 -1.63
N LYS B 91 -9.44 -9.77 -2.30
CA LYS B 91 -8.14 -10.08 -2.91
C LYS B 91 -8.04 -9.42 -4.27
N GLY B 92 -6.84 -9.00 -4.64
CA GLY B 92 -6.61 -8.31 -5.91
C GLY B 92 -5.27 -7.62 -5.89
N PRO B 93 -5.11 -6.51 -6.63
CA PRO B 93 -6.05 -5.77 -7.46
C PRO B 93 -6.18 -6.35 -8.89
N PHE B 94 -7.24 -5.96 -9.59
CA PHE B 94 -7.46 -6.38 -10.97
C PHE B 94 -7.51 -5.11 -11.84
N ASN B 95 -6.81 -5.15 -12.97
N ASN B 95 -6.76 -5.09 -12.96
CA ASN B 95 -6.93 -4.09 -13.97
CA ASN B 95 -6.91 -4.04 -14.00
C ASN B 95 -7.71 -4.64 -15.15
C ASN B 95 -7.72 -4.65 -15.13
N VAL B 96 -8.96 -4.19 -15.25
CA VAL B 96 -9.93 -4.77 -16.16
C VAL B 96 -10.29 -3.72 -17.22
N PHE B 97 -9.56 -3.74 -18.32
CA PHE B 97 -9.83 -2.83 -19.44
C PHE B 97 -9.82 -1.35 -19.01
N GLY B 98 -8.85 -0.98 -18.17
CA GLY B 98 -8.77 0.39 -17.71
C GLY B 98 -9.60 0.67 -16.47
N VAL B 99 -10.41 -0.30 -16.03
CA VAL B 99 -11.10 -0.19 -14.74
C VAL B 99 -10.24 -0.82 -13.68
N HIS B 100 -9.79 -0.03 -12.72
CA HIS B 100 -8.91 -0.54 -11.68
C HIS B 100 -9.69 -0.97 -10.48
N ILE B 101 -9.81 -2.28 -10.28
CA ILE B 101 -10.49 -2.77 -9.08
C ILE B 101 -9.45 -2.73 -7.98
N ASP B 102 -9.47 -1.64 -7.21
CA ASP B 102 -8.55 -1.45 -6.11
C ASP B 102 -9.09 -2.14 -4.85
N THR B 103 -8.69 -3.38 -4.70
CA THR B 103 -9.24 -4.28 -3.69
C THR B 103 -8.64 -3.94 -2.33
N GLU B 104 -9.23 -4.47 -1.27
CA GLU B 104 -8.72 -4.29 0.08
C GLU B 104 -7.25 -4.68 0.21
N TRP B 105 -6.90 -5.85 -0.34
CA TRP B 105 -5.53 -6.38 -0.24
C TRP B 105 -4.70 -6.12 -1.45
N ARG B 106 -3.43 -5.82 -1.22
CA ARG B 106 -2.37 -5.91 -2.23
C ARG B 106 -1.90 -7.39 -2.31
N SER B 107 -2.77 -8.24 -2.87
CA SER B 107 -2.48 -9.67 -2.99
C SER B 107 -1.36 -9.86 -4.00
N ASP B 108 -1.23 -8.92 -4.95
CA ASP B 108 -0.03 -8.87 -5.82
C ASP B 108 1.31 -8.83 -5.07
N TRP B 109 1.41 -7.98 -4.05
CA TRP B 109 2.62 -7.97 -3.24
C TRP B 109 2.93 -9.28 -2.58
N LYS B 110 1.92 -9.92 -1.99
CA LYS B 110 2.13 -11.20 -1.31
C LYS B 110 2.56 -12.25 -2.31
N TRP B 111 1.86 -12.30 -3.44
CA TRP B 111 2.26 -13.18 -4.53
C TRP B 111 3.72 -13.05 -4.92
N SER B 112 4.22 -11.82 -5.05
CA SER B 112 5.64 -11.58 -5.39
C SER B 112 6.61 -12.13 -4.35
N ARG B 113 6.18 -12.17 -3.09
CA ARG B 113 7.02 -12.68 -2.00
C ARG B 113 7.07 -14.21 -2.02
N VAL B 114 5.95 -14.81 -2.43
CA VAL B 114 5.77 -16.28 -2.41
C VAL B 114 6.26 -16.98 -3.69
N SER B 115 5.85 -16.47 -4.85
CA SER B 115 6.11 -17.19 -6.09
C SER B 115 7.59 -17.54 -6.41
N PRO B 116 8.56 -16.66 -6.06
CA PRO B 116 9.93 -17.09 -6.42
C PRO B 116 10.38 -18.36 -5.70
N HIS B 117 9.68 -18.76 -4.63
CA HIS B 117 10.04 -19.96 -3.88
C HIS B 117 9.44 -21.21 -4.43
N LEU B 118 8.55 -21.07 -5.42
CA LEU B 118 7.78 -22.19 -5.93
C LEU B 118 8.02 -22.44 -7.41
N ASP B 119 7.96 -23.70 -7.82
CA ASP B 119 7.96 -24.03 -9.25
C ASP B 119 6.59 -24.60 -9.55
N LEU B 120 5.79 -23.87 -10.32
CA LEU B 120 4.42 -24.33 -10.63
C LEU B 120 4.27 -24.84 -12.05
N LYS B 121 5.34 -24.76 -12.85
CA LYS B 121 5.27 -25.10 -14.28
C LYS B 121 4.74 -26.51 -14.50
N GLY B 122 3.62 -26.59 -15.22
CA GLY B 122 3.02 -27.87 -15.57
C GLY B 122 2.26 -28.57 -14.44
N LYS B 123 2.04 -27.90 -13.31
CA LYS B 123 1.45 -28.57 -12.15
C LYS B 123 -0.05 -28.40 -12.02
N ARG B 124 -0.69 -29.42 -11.43
CA ARG B 124 -2.11 -29.37 -11.07
C ARG B 124 -2.18 -28.79 -9.67
N VAL B 125 -2.86 -27.66 -9.52
CA VAL B 125 -2.83 -26.92 -8.27
C VAL B 125 -4.23 -26.80 -7.66
N LEU B 126 -4.34 -26.98 -6.35
CA LEU B 126 -5.56 -26.67 -5.61
C LEU B 126 -5.31 -25.45 -4.69
N ASP B 127 -6.24 -24.50 -4.70
CA ASP B 127 -6.14 -23.33 -3.83
C ASP B 127 -7.28 -23.36 -2.83
N VAL B 128 -6.96 -23.66 -1.58
CA VAL B 128 -7.98 -23.78 -0.53
C VAL B 128 -8.23 -22.45 0.16
N GLY B 129 -9.49 -22.05 0.21
CA GLY B 129 -9.87 -20.71 0.70
C GLY B 129 -9.41 -19.66 -0.31
N CYS B 130 -9.74 -19.89 -1.58
CA CYS B 130 -9.19 -19.05 -2.67
C CYS B 130 -9.78 -17.63 -2.73
N GLY B 131 -10.77 -17.32 -1.89
CA GLY B 131 -11.48 -16.04 -1.99
C GLY B 131 -12.05 -15.91 -3.40
N ASN B 132 -11.89 -14.74 -4.02
CA ASN B 132 -12.40 -14.50 -5.38
C ASN B 132 -11.54 -15.14 -6.46
N GLY B 133 -10.52 -15.88 -6.06
CA GLY B 133 -9.73 -16.60 -7.06
C GLY B 133 -8.59 -15.81 -7.68
N TYR B 134 -8.32 -14.61 -7.16
CA TYR B 134 -7.18 -13.81 -7.67
C TYR B 134 -5.92 -14.64 -7.88
N TYR B 135 -5.51 -15.39 -6.85
CA TYR B 135 -4.25 -16.11 -6.95
C TYR B 135 -4.30 -17.22 -7.99
N GLN B 136 -5.49 -17.75 -8.27
CA GLN B 136 -5.61 -18.78 -9.30
C GLN B 136 -5.07 -18.24 -10.62
N TRP B 137 -5.48 -17.01 -10.95
CA TRP B 137 -5.01 -16.38 -12.19
C TRP B 137 -3.51 -16.21 -12.18
N ARG B 138 -2.98 -15.74 -11.06
CA ARG B 138 -1.52 -15.59 -10.92
C ARG B 138 -0.76 -16.92 -11.03
N MSE B 139 -1.35 -17.99 -10.49
CA MSE B 139 -0.76 -19.33 -10.57
C MSE B 139 -0.70 -19.80 -12.02
O MSE B 139 0.31 -20.39 -12.44
CB MSE B 139 -1.51 -20.35 -9.69
CG MSE B 139 -1.36 -20.12 -8.22
SE MSE B 139 -2.84 -20.95 -7.23
CE MSE B 139 -2.46 -20.14 -5.51
N LEU B 140 -1.73 -19.51 -12.81
CA LEU B 140 -1.63 -19.81 -14.24
C LEU B 140 -0.53 -18.94 -14.87
N GLY B 141 -0.44 -17.68 -14.43
CA GLY B 141 0.57 -16.76 -14.90
C GLY B 141 1.96 -17.32 -14.64
N ALA B 142 2.06 -18.14 -13.58
CA ALA B 142 3.34 -18.71 -13.17
C ALA B 142 3.58 -20.10 -13.76
N GLY B 143 2.76 -20.52 -14.72
CA GLY B 143 3.03 -21.76 -15.46
C GLY B 143 2.20 -22.97 -15.06
N ALA B 144 1.27 -22.80 -14.11
CA ALA B 144 0.44 -23.94 -13.68
C ALA B 144 -0.32 -24.55 -14.85
N ASP B 145 -0.39 -25.88 -14.91
CA ASP B 145 -1.21 -26.50 -15.96
C ASP B 145 -2.71 -26.23 -15.76
N SER B 146 -3.16 -26.31 -14.49
CA SER B 146 -4.55 -26.04 -14.13
C SER B 146 -4.63 -25.68 -12.64
N VAL B 147 -5.65 -24.91 -12.28
CA VAL B 147 -5.87 -24.52 -10.90
C VAL B 147 -7.35 -24.69 -10.57
N ILE B 148 -7.62 -25.39 -9.49
CA ILE B 148 -8.97 -25.43 -8.92
C ILE B 148 -8.94 -24.70 -7.59
N GLY B 149 -9.88 -23.77 -7.39
CA GLY B 149 -10.02 -23.06 -6.11
C GLY B 149 -11.26 -23.57 -5.40
N VAL B 150 -11.23 -23.63 -4.07
CA VAL B 150 -12.45 -23.93 -3.30
C VAL B 150 -12.67 -22.85 -2.24
N ASP B 151 -13.87 -22.31 -2.20
CA ASP B 151 -14.24 -21.38 -1.16
C ASP B 151 -15.75 -21.32 -1.11
N PRO B 152 -16.34 -21.60 0.07
CA PRO B 152 -17.79 -21.67 0.20
C PRO B 152 -18.37 -20.28 0.48
N ASN B 153 -18.18 -19.37 -0.45
CA ASN B 153 -18.74 -18.02 -0.30
C ASN B 153 -19.26 -17.61 -1.68
N TRP B 154 -20.53 -17.24 -1.73
CA TRP B 154 -21.17 -17.00 -3.02
C TRP B 154 -20.72 -15.74 -3.72
N LEU B 155 -20.43 -14.69 -2.96
CA LEU B 155 -19.89 -13.47 -3.55
C LEU B 155 -18.54 -13.72 -4.18
N PHE B 156 -17.66 -14.46 -3.48
CA PHE B 156 -16.33 -14.81 -4.02
C PHE B 156 -16.50 -15.56 -5.33
N PHE B 157 -17.45 -16.48 -5.34
CA PHE B 157 -17.77 -17.24 -6.55
C PHE B 157 -18.18 -16.33 -7.70
N CYS B 158 -19.08 -15.37 -7.44
CA CYS B 158 -19.52 -14.44 -8.46
C CYS B 158 -18.41 -13.50 -8.94
N GLN B 159 -17.52 -13.07 -8.04
CA GLN B 159 -16.36 -12.27 -8.44
C GLN B 159 -15.42 -13.04 -9.38
N PHE B 160 -15.21 -14.33 -9.10
CA PHE B 160 -14.49 -15.18 -10.06
C PHE B 160 -15.21 -15.27 -11.41
N GLN B 161 -16.52 -15.48 -11.36
CA GLN B 161 -17.29 -15.55 -12.61
C GLN B 161 -17.11 -14.29 -13.44
N ALA B 162 -17.04 -13.13 -12.76
CA ALA B 162 -16.88 -11.86 -13.45
C ALA B 162 -15.60 -11.80 -14.27
N MSE B 163 -14.50 -12.29 -13.69
CA MSE B 163 -13.20 -12.32 -14.39
C MSE B 163 -13.16 -13.45 -15.43
O MSE B 163 -12.57 -13.30 -16.50
CB MSE B 163 -12.05 -12.48 -13.38
CG MSE B 163 -11.90 -11.30 -12.39
SE MSE B 163 -11.64 -9.56 -13.25
CE MSE B 163 -13.49 -8.94 -13.37
N GLN B 164 -13.75 -14.59 -15.10
CA GLN B 164 -13.80 -15.71 -16.04
C GLN B 164 -14.56 -15.37 -17.31
N ARG B 165 -15.54 -14.47 -17.23
CA ARG B 165 -16.25 -13.92 -18.40
C ARG B 165 -15.27 -13.41 -19.46
N TYR B 166 -14.16 -12.83 -19.00
CA TYR B 166 -13.19 -12.25 -19.92
C TYR B 166 -11.99 -13.16 -20.18
N LEU B 167 -11.87 -14.23 -19.38
CA LEU B 167 -10.82 -15.21 -19.57
C LEU B 167 -11.44 -16.61 -19.68
N PRO B 168 -12.39 -16.80 -20.60
CA PRO B 168 -13.23 -18.02 -20.50
C PRO B 168 -12.54 -19.34 -20.88
N ASP B 169 -11.43 -19.27 -21.60
CA ASP B 169 -10.74 -20.47 -22.07
C ASP B 169 -9.56 -20.95 -21.22
N LEU B 170 -9.24 -20.21 -20.17
CA LEU B 170 -8.13 -20.59 -19.29
C LEU B 170 -8.53 -21.66 -18.28
N PRO B 171 -7.61 -22.59 -17.99
CA PRO B 171 -7.92 -23.72 -17.10
C PRO B 171 -7.88 -23.36 -15.61
N ALA B 172 -8.77 -22.48 -15.19
CA ALA B 172 -8.99 -22.19 -13.77
C ALA B 172 -10.45 -22.36 -13.46
N TRP B 173 -10.76 -22.91 -12.28
CA TRP B 173 -12.16 -23.10 -11.87
C TRP B 173 -12.31 -22.78 -10.41
N HIS B 174 -13.46 -22.21 -10.06
CA HIS B 174 -13.76 -21.87 -8.67
C HIS B 174 -14.93 -22.72 -8.27
N LEU B 175 -14.76 -23.52 -7.23
CA LEU B 175 -15.86 -24.35 -6.74
C LEU B 175 -16.35 -23.77 -5.42
N PRO B 176 -17.68 -23.55 -5.29
CA PRO B 176 -18.18 -22.94 -4.06
C PRO B 176 -18.34 -24.00 -2.95
N PHE B 177 -17.26 -24.73 -2.68
CA PHE B 177 -17.23 -25.86 -1.73
C PHE B 177 -16.29 -25.57 -0.57
N ALA B 178 -16.50 -26.26 0.55
CA ALA B 178 -15.53 -26.28 1.65
C ALA B 178 -14.58 -27.44 1.36
N LEU B 179 -13.37 -27.39 1.92
CA LEU B 179 -12.42 -28.50 1.75
C LEU B 179 -13.04 -29.87 2.13
N GLU B 180 -13.85 -29.88 3.20
CA GLU B 180 -14.55 -31.09 3.65
C GLU B 180 -15.52 -31.68 2.61
N ASP B 181 -15.85 -30.91 1.56
CA ASP B 181 -16.73 -31.39 0.50
C ASP B 181 -16.00 -32.21 -0.55
N LEU B 182 -14.68 -32.21 -0.49
CA LEU B 182 -13.89 -33.08 -1.36
C LEU B 182 -13.82 -34.47 -0.74
N PRO B 183 -13.78 -35.53 -1.57
CA PRO B 183 -13.68 -36.85 -0.96
C PRO B 183 -12.31 -37.09 -0.32
N ALA B 184 -12.26 -38.06 0.59
CA ALA B 184 -11.04 -38.46 1.25
C ALA B 184 -10.03 -39.06 0.26
N ASN B 185 -8.75 -38.83 0.54
CA ASN B 185 -7.66 -39.48 -0.21
C ASN B 185 -7.69 -39.25 -1.72
N LEU B 186 -7.95 -38.01 -2.12
CA LEU B 186 -7.91 -37.62 -3.51
C LEU B 186 -6.52 -37.80 -4.10
N GLU B 187 -5.49 -37.35 -3.36
CA GLU B 187 -4.09 -37.58 -3.73
C GLU B 187 -3.82 -37.29 -5.21
N GLY B 188 -4.25 -36.13 -5.67
CA GLY B 188 -4.29 -35.86 -7.10
C GLY B 188 -3.68 -34.54 -7.52
N PHE B 189 -3.33 -33.70 -6.54
CA PHE B 189 -2.73 -32.40 -6.84
C PHE B 189 -1.23 -32.41 -6.65
N ASP B 190 -0.51 -31.67 -7.49
CA ASP B 190 0.94 -31.51 -7.34
C ASP B 190 1.29 -30.49 -6.28
N THR B 191 0.43 -29.48 -6.13
CA THR B 191 0.68 -28.37 -5.21
C THR B 191 -0.65 -27.97 -4.63
N VAL B 192 -0.67 -27.72 -3.33
N VAL B 192 -0.69 -27.74 -3.32
CA VAL B 192 -1.86 -27.26 -2.64
CA VAL B 192 -1.90 -27.24 -2.70
C VAL B 192 -1.52 -26.00 -1.86
C VAL B 192 -1.55 -26.03 -1.86
N PHE B 193 -2.35 -24.97 -1.98
CA PHE B 193 -2.18 -23.72 -1.21
C PHE B 193 -3.25 -23.63 -0.15
N SER B 194 -2.85 -23.28 1.08
CA SER B 194 -3.82 -22.91 2.12
C SER B 194 -3.35 -21.60 2.69
N MSE B 195 -3.98 -20.53 2.24
CA MSE B 195 -3.54 -19.22 2.63
C MSE B 195 -4.67 -18.49 3.37
O MSE B 195 -5.72 -18.22 2.82
CB MSE B 195 -2.96 -18.44 1.42
CG MSE B 195 -1.80 -19.21 0.68
SE MSE B 195 -0.91 -18.09 -0.60
CE MSE B 195 0.77 -17.79 0.34
N GLY B 196 -4.45 -18.20 4.66
CA GLY B 196 -5.45 -17.49 5.45
C GLY B 196 -6.60 -18.36 5.96
N VAL B 197 -6.37 -19.65 6.12
CA VAL B 197 -7.43 -20.59 6.52
C VAL B 197 -7.17 -21.17 7.92
N LEU B 198 -5.91 -21.50 8.20
CA LEU B 198 -5.59 -22.35 9.37
C LEU B 198 -6.05 -21.67 10.65
N TYR B 199 -5.95 -20.34 10.71
CA TYR B 199 -6.31 -19.66 11.96
C TYR B 199 -7.81 -19.70 12.24
N HIS B 200 -8.61 -20.04 11.23
CA HIS B 200 -10.07 -20.18 11.39
C HIS B 200 -10.51 -21.60 11.68
N ARG B 201 -9.57 -22.54 11.83
CA ARG B 201 -9.92 -23.94 12.03
C ARG B 201 -9.76 -24.33 13.50
N LYS B 202 -10.83 -24.87 14.07
CA LYS B 202 -10.79 -25.44 15.42
C LYS B 202 -9.71 -26.51 15.54
N SER B 203 -9.48 -27.22 14.44
CA SER B 203 -8.52 -28.32 14.41
C SER B 203 -7.43 -28.05 13.39
N PRO B 204 -6.35 -27.37 13.83
CA PRO B 204 -5.29 -27.11 12.85
C PRO B 204 -4.62 -28.40 12.33
N ILE B 205 -4.52 -29.42 13.17
CA ILE B 205 -3.87 -30.66 12.72
C ILE B 205 -4.76 -31.36 11.69
N ASP B 206 -6.08 -31.41 11.93
CA ASP B 206 -6.94 -32.03 10.89
C ASP B 206 -6.87 -31.27 9.57
N HIS B 207 -6.72 -29.96 9.65
CA HIS B 207 -6.58 -29.17 8.43
C HIS B 207 -5.33 -29.58 7.70
N LEU B 208 -4.21 -29.68 8.40
CA LEU B 208 -2.97 -30.08 7.75
C LEU B 208 -3.05 -31.48 7.11
N LEU B 209 -3.71 -32.42 7.81
CA LEU B 209 -3.91 -33.77 7.29
C LEU B 209 -4.83 -33.79 6.07
N ALA B 210 -5.90 -32.98 6.09
CA ALA B 210 -6.81 -32.86 4.93
C ALA B 210 -6.07 -32.31 3.70
N LEU B 211 -5.17 -31.36 3.92
CA LEU B 211 -4.35 -30.80 2.83
C LEU B 211 -3.40 -31.85 2.32
N LYS B 212 -2.74 -32.57 3.23
CA LYS B 212 -1.81 -33.61 2.79
C LYS B 212 -2.50 -34.68 1.93
N ASP B 213 -3.77 -34.96 2.25
CA ASP B 213 -4.53 -35.99 1.54
C ASP B 213 -4.90 -35.62 0.11
N CYS B 214 -4.87 -34.31 -0.18
CA CYS B 214 -5.11 -33.80 -1.55
C CYS B 214 -3.91 -33.97 -2.48
N LEU B 215 -2.73 -34.25 -1.93
CA LEU B 215 -1.47 -34.23 -2.68
C LEU B 215 -1.04 -35.59 -3.20
N VAL B 216 -0.49 -35.61 -4.41
CA VAL B 216 0.28 -36.77 -4.87
C VAL B 216 1.54 -36.91 -4.00
N LYS B 217 2.07 -38.12 -3.93
CA LYS B 217 3.36 -38.36 -3.30
C LYS B 217 4.39 -37.41 -3.92
N GLY B 218 5.11 -36.69 -3.09
CA GLY B 218 6.12 -35.73 -3.56
C GLY B 218 5.58 -34.33 -3.81
N GLY B 219 4.26 -34.16 -3.63
CA GLY B 219 3.61 -32.86 -3.80
C GLY B 219 3.98 -31.88 -2.71
N GLU B 220 3.56 -30.63 -2.91
CA GLU B 220 4.02 -29.56 -2.07
C GLU B 220 2.84 -28.81 -1.46
N LEU B 221 2.93 -28.54 -0.16
CA LEU B 221 1.97 -27.70 0.53
C LEU B 221 2.58 -26.31 0.73
N VAL B 222 1.86 -25.27 0.31
CA VAL B 222 2.20 -23.89 0.67
C VAL B 222 1.17 -23.39 1.68
N MSE B 223 1.61 -23.14 2.91
CA MSE B 223 0.75 -22.80 4.02
C MSE B 223 1.03 -21.35 4.41
O MSE B 223 2.16 -20.98 4.68
CB MSE B 223 1.02 -23.82 5.16
CG MSE B 223 0.72 -23.38 6.61
SE MSE B 223 -1.12 -22.95 6.85
CE MSE B 223 -1.88 -24.65 6.29
N GLU B 224 0.00 -20.50 4.38
CA GLU B 224 0.13 -19.15 4.93
C GLU B 224 -0.91 -18.93 6.02
N THR B 225 -0.48 -18.41 7.16
CA THR B 225 -1.44 -18.14 8.22
C THR B 225 -0.87 -17.09 9.19
N LEU B 226 -1.71 -16.68 10.13
CA LEU B 226 -1.34 -15.74 11.17
C LEU B 226 -0.51 -16.42 12.23
N VAL B 227 0.57 -15.76 12.62
CA VAL B 227 1.47 -16.32 13.63
C VAL B 227 1.81 -15.27 14.68
N ILE B 228 2.56 -15.70 15.70
CA ILE B 228 3.08 -14.81 16.75
C ILE B 228 4.61 -14.99 16.86
N PRO B 229 5.31 -14.01 17.47
CA PRO B 229 6.74 -14.24 17.76
C PRO B 229 6.95 -15.36 18.78
N GLY B 230 8.17 -15.87 18.90
CA GLY B 230 8.49 -16.75 20.00
C GLY B 230 8.97 -18.12 19.58
N ASP B 231 9.30 -18.93 20.58
CA ASP B 231 9.84 -20.25 20.35
C ASP B 231 8.73 -21.27 20.08
N VAL B 232 9.16 -22.53 19.98
CA VAL B 232 8.29 -23.65 19.58
C VAL B 232 7.11 -23.90 20.55
N HIS B 233 7.21 -23.39 21.79
CA HIS B 233 6.12 -23.60 22.76
C HIS B 233 5.12 -22.49 22.80
N GLN B 234 5.29 -21.45 21.97
CA GLN B 234 4.38 -20.28 22.05
C GLN B 234 3.21 -20.45 21.11
N VAL B 235 2.00 -20.48 21.67
CA VAL B 235 0.81 -20.68 20.86
C VAL B 235 -0.29 -19.82 21.48
N LEU B 236 -0.79 -18.86 20.71
CA LEU B 236 -1.86 -17.97 21.17
C LEU B 236 -3.22 -18.45 20.71
N VAL B 237 -4.18 -18.51 21.63
CA VAL B 237 -5.60 -18.66 21.29
C VAL B 237 -6.32 -17.44 21.91
N PRO B 238 -7.03 -16.63 21.10
CA PRO B 238 -7.67 -15.47 21.74
C PRO B 238 -8.80 -15.82 22.73
N GLU B 239 -8.96 -14.99 23.76
CA GLU B 239 -10.07 -15.15 24.71
C GLU B 239 -11.40 -14.93 23.99
N ASP B 240 -11.42 -13.97 23.06
N ASP B 240 -11.43 -13.91 23.13
CA ASP B 240 -12.64 -13.70 22.30
CA ASP B 240 -12.65 -13.52 22.41
C ASP B 240 -12.27 -13.37 20.85
C ASP B 240 -12.26 -13.35 20.94
N ARG B 241 -12.13 -12.09 20.51
CA ARG B 241 -11.78 -11.75 19.13
C ARG B 241 -10.29 -11.54 18.90
N TYR B 242 -9.87 -11.65 17.64
CA TYR B 242 -8.53 -11.27 17.26
C TYR B 242 -8.65 -10.36 16.06
N ALA B 243 -8.18 -9.11 16.20
CA ALA B 243 -8.36 -8.10 15.15
C ALA B 243 -9.84 -8.00 14.72
N GLN B 244 -10.71 -7.98 15.72
CA GLN B 244 -12.18 -7.94 15.58
C GLN B 244 -12.84 -9.19 15.01
N MSE B 245 -12.06 -10.20 14.65
CA MSE B 245 -12.62 -11.40 14.01
C MSE B 245 -13.08 -12.42 15.04
O MSE B 245 -12.40 -12.66 16.05
CB MSE B 245 -11.57 -12.08 13.11
CG MSE B 245 -11.10 -11.25 11.95
SE MSE B 245 -9.94 -12.32 10.83
CE MSE B 245 -8.27 -12.17 11.84
N ARG B 246 -14.25 -13.00 14.79
CA ARG B 246 -14.75 -14.15 15.54
C ARG B 246 -14.17 -15.43 14.91
N ASN B 247 -14.27 -16.53 15.64
N ASN B 247 -14.32 -16.55 15.62
CA ASN B 247 -13.87 -17.83 15.09
CA ASN B 247 -13.86 -17.87 15.15
C ASN B 247 -12.38 -17.92 14.78
C ASN B 247 -12.38 -17.95 14.81
N VAL B 248 -11.56 -17.22 15.56
CA VAL B 248 -10.11 -17.33 15.41
C VAL B 248 -9.67 -18.34 16.48
N TRP B 249 -8.87 -19.31 16.09
CA TRP B 249 -8.47 -20.36 17.00
C TRP B 249 -6.98 -20.29 17.28
N PHE B 250 -6.16 -21.07 16.57
CA PHE B 250 -4.74 -21.13 16.94
C PHE B 250 -3.84 -20.20 16.13
N LEU B 251 -3.07 -19.36 16.84
N LEU B 251 -3.05 -19.39 16.85
CA LEU B 251 -2.00 -18.56 16.24
CA LEU B 251 -2.02 -18.55 16.27
C LEU B 251 -0.69 -19.01 16.84
C LEU B 251 -0.68 -19.02 16.85
N PRO B 252 -0.05 -20.00 16.19
CA PRO B 252 1.21 -20.54 16.66
C PRO B 252 2.39 -19.65 16.31
N SER B 253 3.51 -19.85 16.99
CA SER B 253 4.75 -19.25 16.50
C SER B 253 5.17 -20.00 15.22
N VAL B 254 6.11 -19.44 14.49
CA VAL B 254 6.62 -20.10 13.28
C VAL B 254 7.21 -21.47 13.62
N PRO B 255 8.10 -21.54 14.65
CA PRO B 255 8.64 -22.87 15.02
C PRO B 255 7.55 -23.87 15.47
N ALA B 256 6.54 -23.38 16.21
CA ALA B 256 5.43 -24.27 16.58
C ALA B 256 4.69 -24.77 15.32
N LEU B 257 4.40 -23.89 14.38
CA LEU B 257 3.70 -24.31 13.15
C LEU B 257 4.52 -25.32 12.33
N GLU B 258 5.84 -25.10 12.26
CA GLU B 258 6.72 -26.04 11.55
C GLU B 258 6.70 -27.40 12.21
N LEU B 259 6.73 -27.41 13.53
CA LEU B 259 6.62 -28.68 14.25
C LEU B 259 5.28 -29.37 13.92
N TRP B 260 4.17 -28.61 13.90
CA TRP B 260 2.87 -29.25 13.63
C TRP B 260 2.85 -29.84 12.24
N MSE B 261 3.44 -29.12 11.30
CA MSE B 261 3.56 -29.65 9.94
C MSE B 261 4.40 -30.93 9.86
O MSE B 261 4.03 -31.84 9.13
CB MSE B 261 4.05 -28.58 8.96
CG MSE B 261 2.99 -27.49 8.82
SE MSE B 261 3.65 -25.98 7.88
CE MSE B 261 4.11 -26.91 6.16
N ARG B 262 5.48 -30.99 10.63
CA ARG B 262 6.25 -32.25 10.68
C ARG B 262 5.44 -33.38 11.34
N ARG B 263 4.72 -33.08 12.42
CA ARG B 263 3.83 -34.06 13.06
C ARG B 263 2.72 -34.56 12.14
N ALA B 264 2.24 -33.69 11.25
CA ALA B 264 1.24 -34.10 10.25
C ALA B 264 1.85 -34.93 9.11
N GLY B 265 3.17 -35.11 9.12
CA GLY B 265 3.88 -35.99 8.17
C GLY B 265 4.47 -35.30 6.96
N PHE B 266 4.58 -33.96 6.98
CA PHE B 266 5.31 -33.26 5.92
C PHE B 266 6.80 -33.30 6.17
N THR B 267 7.58 -33.27 5.10
CA THR B 267 9.03 -33.16 5.21
C THR B 267 9.54 -31.91 4.51
N ASP B 268 10.83 -31.62 4.69
CA ASP B 268 11.47 -30.42 4.14
C ASP B 268 10.64 -29.15 4.46
N VAL B 269 10.15 -29.09 5.70
CA VAL B 269 9.32 -27.97 6.16
C VAL B 269 10.22 -26.76 6.39
N ARG B 270 9.89 -25.64 5.75
CA ARG B 270 10.66 -24.40 5.90
C ARG B 270 9.81 -23.15 5.70
N CYS B 271 10.05 -22.16 6.56
CA CYS B 271 9.41 -20.86 6.43
C CYS B 271 10.13 -20.12 5.32
N VAL B 272 9.41 -19.64 4.33
CA VAL B 272 10.05 -18.87 3.24
C VAL B 272 9.76 -17.36 3.31
N ASP B 273 8.81 -16.95 4.14
CA ASP B 273 8.44 -15.53 4.26
C ASP B 273 7.74 -15.25 5.58
N VAL B 274 8.09 -14.13 6.19
CA VAL B 274 7.38 -13.63 7.38
C VAL B 274 7.14 -12.17 7.14
N SER B 275 5.93 -11.69 7.35
CA SER B 275 5.69 -10.27 7.22
C SER B 275 4.69 -9.76 8.22
N HIS B 276 4.91 -8.53 8.68
CA HIS B 276 3.94 -7.89 9.56
C HIS B 276 3.07 -7.04 8.69
N THR B 277 1.78 -7.36 8.65
CA THR B 277 0.86 -6.71 7.68
C THR B 277 0.71 -5.20 7.99
N THR B 278 0.83 -4.35 6.95
CA THR B 278 0.73 -2.89 7.11
C THR B 278 -0.55 -2.40 6.50
N VAL B 279 -0.93 -1.17 6.86
CA VAL B 279 -2.10 -0.52 6.28
C VAL B 279 -1.93 -0.17 4.79
N GLU B 280 -0.71 -0.19 4.27
CA GLU B 280 -0.51 -0.05 2.82
C GLU B 280 -0.90 -1.34 2.06
N GLU B 281 -0.81 -2.48 2.75
CA GLU B 281 -1.10 -3.78 2.15
C GLU B 281 -2.58 -4.19 2.30
N GLN B 282 -3.21 -3.73 3.38
CA GLN B 282 -4.60 -4.10 3.68
C GLN B 282 -5.34 -2.85 4.14
N ARG B 283 -6.29 -2.36 3.34
CA ARG B 283 -7.03 -1.13 3.71
C ARG B 283 -8.41 -1.04 3.04
N SER B 284 -9.31 -0.24 3.61
CA SER B 284 -10.61 0.08 2.97
C SER B 284 -10.38 0.91 1.71
N THR B 285 -11.19 0.70 0.68
CA THR B 285 -11.08 1.48 -0.56
C THR B 285 -12.51 1.70 -1.05
N GLU B 286 -12.65 2.38 -2.19
N GLU B 286 -12.66 2.38 -2.18
CA GLU B 286 -13.96 2.55 -2.81
CA GLU B 286 -13.98 2.55 -2.81
C GLU B 286 -14.61 1.22 -3.17
C GLU B 286 -14.61 1.21 -3.18
N TRP B 287 -13.79 0.17 -3.30
CA TRP B 287 -14.24 -1.18 -3.69
C TRP B 287 -14.43 -2.10 -2.51
N MSE B 288 -14.06 -1.63 -1.32
CA MSE B 288 -14.19 -2.41 -0.11
C MSE B 288 -14.35 -1.44 1.07
O MSE B 288 -13.38 -1.09 1.75
CB MSE B 288 -12.99 -3.37 0.06
CG MSE B 288 -13.32 -4.67 0.81
SE MSE B 288 -14.13 -4.42 2.56
CE MSE B 288 -12.55 -3.78 3.54
N ARG B 289 -15.58 -1.00 1.28
CA ARG B 289 -15.87 0.16 2.15
C ARG B 289 -15.95 -0.18 3.63
N PHE B 290 -15.93 -1.47 3.93
CA PHE B 290 -16.04 -1.94 5.29
C PHE B 290 -14.76 -1.71 6.07
N GLN B 291 -14.75 -2.08 7.34
CA GLN B 291 -13.55 -1.86 8.15
C GLN B 291 -12.40 -2.74 7.70
N SER B 292 -11.18 -2.26 7.97
CA SER B 292 -9.98 -2.98 7.60
C SER B 292 -8.92 -2.85 8.67
N LEU B 293 -7.69 -3.23 8.31
CA LEU B 293 -6.59 -3.39 9.26
C LEU B 293 -6.43 -2.21 10.20
N GLY B 294 -6.41 -0.99 9.66
CA GLY B 294 -6.20 0.21 10.47
C GLY B 294 -7.21 0.36 11.59
N ASP B 295 -8.41 -0.17 11.38
CA ASP B 295 -9.47 -0.11 12.39
C ASP B 295 -9.30 -1.21 13.42
N TYR B 296 -8.44 -2.19 13.14
CA TYR B 296 -8.30 -3.36 14.02
C TYR B 296 -7.06 -3.33 14.90
N LEU B 297 -6.19 -2.34 14.66
CA LEU B 297 -4.99 -2.14 15.47
C LEU B 297 -5.30 -1.20 16.62
N ASP B 298 -4.62 -1.39 17.74
CA ASP B 298 -4.68 -0.44 18.86
C ASP B 298 -4.21 0.91 18.29
N PRO B 299 -5.08 1.95 18.34
CA PRO B 299 -4.70 3.20 17.68
C PRO B 299 -3.46 3.85 18.32
N ASN B 300 -3.17 3.50 19.56
CA ASN B 300 -1.99 4.02 20.24
C ASN B 300 -0.72 3.13 20.22
N ASP B 301 -0.81 1.93 19.65
CA ASP B 301 0.32 1.01 19.58
C ASP B 301 0.05 0.01 18.47
N HIS B 302 0.59 0.32 17.30
CA HIS B 302 0.28 -0.46 16.09
C HIS B 302 0.92 -1.83 16.11
N SER B 303 1.73 -2.11 17.13
CA SER B 303 2.27 -3.45 17.32
C SER B 303 1.25 -4.41 17.98
N LYS B 304 0.09 -3.86 18.38
CA LYS B 304 -1.02 -4.63 19.00
C LYS B 304 -2.33 -4.47 18.23
N THR B 305 -3.21 -5.47 18.38
CA THR B 305 -4.58 -5.35 17.91
C THR B 305 -5.40 -4.54 18.93
N VAL B 306 -6.62 -4.19 18.57
CA VAL B 306 -7.51 -3.45 19.51
C VAL B 306 -7.79 -4.25 20.78
N GLU B 307 -7.59 -5.56 20.74
CA GLU B 307 -7.76 -6.42 21.89
C GLU B 307 -6.52 -6.45 22.78
N GLY B 308 -5.42 -5.86 22.33
CA GLY B 308 -4.15 -5.91 23.08
C GLY B 308 -3.25 -7.11 22.73
N LEU B 309 -3.63 -7.86 21.71
CA LEU B 309 -2.87 -9.02 21.28
C LEU B 309 -1.80 -8.60 20.25
N PRO B 310 -0.79 -9.45 19.99
CA PRO B 310 0.22 -9.11 18.97
C PRO B 310 -0.43 -8.86 17.62
N ALA B 311 0.01 -7.81 16.93
CA ALA B 311 -0.60 -7.39 15.68
C ALA B 311 -0.38 -8.45 14.59
N PRO B 312 -1.21 -8.44 13.52
CA PRO B 312 -1.11 -9.48 12.49
C PRO B 312 0.29 -9.65 11.89
N MSE B 313 0.74 -10.90 11.88
CA MSE B 313 2.03 -11.31 11.34
C MSE B 313 1.73 -12.57 10.56
O MSE B 313 1.08 -13.49 11.08
CB MSE B 313 2.99 -11.61 12.50
CG MSE B 313 4.41 -12.05 12.12
SE MSE B 313 5.25 -12.42 13.84
CE MSE B 313 6.63 -13.66 13.30
N ARG B 314 2.16 -12.63 9.31
CA ARG B 314 1.85 -13.77 8.47
C ARG B 314 3.11 -14.49 8.10
N ALA B 315 3.03 -15.81 8.08
CA ALA B 315 4.18 -16.61 7.68
C ALA B 315 3.77 -17.54 6.54
N VAL B 316 4.68 -17.75 5.59
CA VAL B 316 4.47 -18.70 4.51
C VAL B 316 5.45 -19.86 4.72
N ILE B 317 4.91 -21.06 4.82
CA ILE B 317 5.71 -22.22 5.15
C ILE B 317 5.46 -23.25 4.08
N VAL B 318 6.54 -23.85 3.56
CA VAL B 318 6.40 -24.83 2.52
C VAL B 318 6.81 -26.20 3.08
N GLY B 319 6.16 -27.25 2.59
CA GLY B 319 6.48 -28.61 3.02
C GLY B 319 6.19 -29.59 1.89
N ARG B 320 6.81 -30.77 1.98
CA ARG B 320 6.66 -31.80 0.98
C ARG B 320 5.97 -33.05 1.56
N LYS B 321 5.06 -33.64 0.79
CA LYS B 321 4.47 -34.93 1.14
C LYS B 321 5.43 -36.06 0.72
N PRO B 322 5.91 -36.86 1.70
CA PRO B 322 6.88 -37.93 1.42
C PRO B 322 6.29 -39.11 0.65
C1 BTB C . -0.95 22.11 -15.01
O1 BTB C . -1.83 22.92 -15.80
C2 BTB C . 0.50 22.59 -15.13
C3 BTB C . 1.25 21.89 -14.00
O3 BTB C . 2.59 22.38 -13.89
C4 BTB C . 0.59 24.12 -14.99
O4 BTB C . -0.22 24.60 -13.90
N BTB C . 1.14 22.09 -16.40
C5 BTB C . 0.15 21.65 -17.40
C6 BTB C . 0.49 20.25 -17.85
O6 BTB C . -0.21 20.06 -19.08
C7 BTB C . 2.20 22.96 -17.00
C8 BTB C . 1.92 23.46 -18.42
O8 BTB C . 1.05 24.59 -18.32
C ACT D . -6.49 16.06 4.13
O ACT D . -6.82 14.99 3.55
OXT ACT D . -5.70 15.99 5.12
CH3 ACT D . -7.02 17.40 3.66
C ACT E . 8.54 11.87 10.48
O ACT E . 9.21 11.57 11.49
OXT ACT E . 7.32 12.10 10.57
CH3 ACT E . 9.23 12.00 9.15
C ACT F . -12.49 -24.09 3.25
O ACT F . -12.33 -23.25 4.16
OXT ACT F . -12.89 -25.24 3.50
CH3 ACT F . -12.20 -23.65 1.84
#